data_4QTI
#
_entry.id   4QTI
#
_cell.length_a   45.554
_cell.length_b   95.403
_cell.length_c   189.533
_cell.angle_alpha   90.00
_cell.angle_beta   90.00
_cell.angle_gamma   90.00
#
_symmetry.space_group_name_H-M   'P 2 21 21'
#
loop_
_entity.id
_entity.type
_entity.pdbx_description
1 polymer 'anti-uPAR antibody, heavy chain'
2 polymer 'anti-uPAR antibody, light chain'
3 polymer 'Urokinase plasminogen activator surface receptor'
#
loop_
_entity_poly.entity_id
_entity_poly.type
_entity_poly.pdbx_seq_one_letter_code
_entity_poly.pdbx_strand_id
1 'polypeptide(L)'
;QVQLQQSGAELMKPGASVKLSCKAAGYTFTAYWIEWIRQRPGHGLEWIGEILPGSSSTNCNEMFKGKATFTADTSSNSAY
MQLSSLTTEDSAIYYCTRDFSGDRSNLYFDVWGTGTTVTVSSAKTTPPSVYPLAPGSAAQTNSMVTLGCLVKGYFPEPVT
VTWNSGSLSSGVHTFPAVLQSDLYTLSSSVTVPSSTWPSETVTCNVAHPASSTKVDKKIVPRDC
;
H
2 'polypeptide(L)'
;DIQMTQSPSSLSASLGERVSLTCRASQDIGSSLNWLQQEPDGTIKRLIYATSSLDSGVPKRFSGSRSGSDYSLTISRLES
EDFVDYYCLQYATSPYTFGGGTKLEIKRADAAPTVSIFPPSSEQLTSGGASVVCFLNNFYPKDINVKWKIDGSERQNGVL
NSWTDQDSKDSTYSMSSTLTLTKDEYERHNSYTCEATHKTSTSPIVKSFNRNEC
;
L
3 'polypeptide(L)'
;LRCMQCKTNGDCRVEECALGQDLCRTTIVRLWEEGEELELVEKSCTHSEKTNRTLSYRTGLKITSLTEVVCGLDLCNQGN
SGRAVTYSRSRYLECISCGSSDMSCERGRHQSLQCRSPEEQCLDVVTHWIQEGEEGRPKDDRHLRGCGYLPGCPGSNGFH
NNDTFHFLKCCNTTKCNEGPILELENLPQNGRQCYSCKGNSTHGCSSEETFLIDCRGPMNQCLVATGTHEPKNQSYMVRG
CATASMCQHAHLGDAFSMNHIDVSCCTKSGCNHPDLDVQYRSG
;
U
#
# COMPACT_ATOMS: atom_id res chain seq x y z
N GLN A 1 -16.91 -2.39 19.85
CA GLN A 1 -16.03 -1.87 18.77
C GLN A 1 -14.71 -2.63 18.66
N VAL A 2 -14.09 -2.55 17.49
CA VAL A 2 -12.85 -3.26 17.21
C VAL A 2 -11.69 -2.38 17.66
N GLN A 3 -10.67 -2.98 18.28
CA GLN A 3 -9.55 -2.21 18.80
C GLN A 3 -8.27 -3.03 18.86
N LEU A 4 -7.15 -2.34 18.63
CA LEU A 4 -5.81 -2.88 18.84
C LEU A 4 -5.08 -1.97 19.82
N GLN A 5 -4.78 -2.52 21.00
CA GLN A 5 -4.27 -1.75 22.11
C GLN A 5 -2.80 -2.10 22.33
N GLN A 6 -1.94 -1.10 22.42
CA GLN A 6 -0.49 -1.32 22.41
C GLN A 6 0.22 -0.96 23.70
N SER A 7 1.27 -1.71 24.02
CA SER A 7 2.03 -1.54 25.26
C SER A 7 2.69 -0.18 25.34
N GLY A 8 3.13 0.18 26.55
CA GLY A 8 3.65 1.51 26.83
C GLY A 8 5.00 1.79 26.21
N ALA A 9 5.36 3.07 26.17
CA ALA A 9 6.66 3.47 25.66
C ALA A 9 7.77 2.88 26.53
N GLU A 10 8.84 2.44 25.87
CA GLU A 10 9.92 1.74 26.52
C GLU A 10 11.21 2.51 26.35
N LEU A 11 11.97 2.62 27.44
CA LEU A 11 13.27 3.29 27.45
C LEU A 11 14.30 2.22 27.73
N MET A 12 15.29 2.07 26.86
CA MET A 12 16.06 0.83 26.82
C MET A 12 17.57 1.01 26.67
N LYS A 13 18.31 0.15 27.37
CA LYS A 13 19.77 0.15 27.31
C LYS A 13 20.15 -0.64 26.06
N PRO A 14 21.05 -0.11 25.22
CA PRO A 14 21.41 -0.89 24.02
C PRO A 14 22.02 -2.23 24.40
N GLY A 15 21.60 -3.28 23.70
CA GLY A 15 22.03 -4.65 23.99
C GLY A 15 21.02 -5.44 24.78
N ALA A 16 19.86 -4.85 25.04
CA ALA A 16 18.78 -5.53 25.76
C ALA A 16 17.73 -6.00 24.79
N SER A 17 16.75 -6.73 25.31
CA SER A 17 15.57 -7.09 24.55
C SER A 17 14.36 -6.57 25.30
N VAL A 18 13.32 -6.25 24.53
CA VAL A 18 12.06 -5.78 25.11
C VAL A 18 10.92 -6.40 24.31
N LYS A 19 9.83 -6.70 25.00
CA LYS A 19 8.69 -7.37 24.39
C LYS A 19 7.50 -6.42 24.36
N LEU A 20 7.17 -5.95 23.16
CA LEU A 20 6.03 -5.08 22.95
C LEU A 20 4.80 -5.94 22.75
N SER A 21 3.63 -5.39 23.05
CA SER A 21 2.38 -6.13 22.90
C SER A 21 1.33 -5.34 22.13
N CYS A 22 0.39 -6.09 21.56
CA CYS A 22 -0.72 -5.54 20.79
C CYS A 22 -1.95 -6.34 21.19
N LYS A 23 -2.70 -5.83 22.16
CA LYS A 23 -3.88 -6.52 22.66
C LYS A 23 -5.10 -6.20 21.80
N ALA A 24 -5.75 -7.25 21.29
CA ALA A 24 -6.86 -7.11 20.38
C ALA A 24 -8.20 -7.09 21.11
N ALA A 25 -9.21 -6.54 20.44
CA ALA A 25 -10.56 -6.53 20.97
C ALA A 25 -11.58 -6.35 19.87
N GLY A 26 -12.78 -6.89 20.07
CA GLY A 26 -13.91 -6.68 19.16
C GLY A 26 -14.14 -7.73 18.10
N TYR A 27 -13.19 -8.62 17.87
CA TYR A 27 -13.27 -9.58 16.77
C TYR A 27 -12.67 -10.94 17.10
N THR A 28 -12.93 -11.93 16.25
CA THR A 28 -12.35 -13.25 16.41
C THR A 28 -10.84 -13.16 16.21
N PHE A 29 -10.12 -13.20 17.32
CA PHE A 29 -8.69 -12.94 17.38
C PHE A 29 -7.87 -13.81 16.45
N THR A 30 -8.20 -15.09 16.41
CA THR A 30 -7.43 -16.06 15.61
C THR A 30 -7.62 -15.92 14.10
N ALA A 31 -8.71 -15.26 13.68
CA ALA A 31 -9.04 -15.15 12.25
C ALA A 31 -8.15 -14.17 11.48
N TYR A 32 -7.31 -13.41 12.17
CA TYR A 32 -6.49 -12.37 11.53
C TYR A 32 -5.04 -12.42 11.95
N TRP A 33 -4.15 -12.26 10.99
CA TRP A 33 -2.74 -12.04 11.26
C TRP A 33 -2.57 -10.68 11.90
N ILE A 34 -1.58 -10.56 12.77
CA ILE A 34 -1.23 -9.30 13.38
C ILE A 34 0.08 -8.87 12.73
N GLU A 35 0.13 -7.62 12.27
CA GLU A 35 1.30 -7.12 11.56
C GLU A 35 2.04 -6.10 12.41
N TRP A 36 3.37 -6.10 12.34
CA TRP A 36 4.16 -5.11 13.03
C TRP A 36 4.85 -4.22 12.02
N ILE A 37 4.73 -2.92 12.22
CA ILE A 37 5.29 -1.93 11.33
C ILE A 37 6.18 -1.04 12.17
N ARG A 38 7.41 -0.84 11.70
CA ARG A 38 8.31 0.10 12.33
C ARG A 38 8.16 1.45 11.65
N GLN A 39 8.38 2.51 12.42
CA GLN A 39 8.56 3.84 11.84
C GLN A 39 9.62 4.57 12.64
N ARG A 40 10.74 4.85 11.99
CA ARG A 40 11.82 5.63 12.60
C ARG A 40 11.53 7.13 12.51
N PRO A 41 12.21 7.95 13.33
CA PRO A 41 12.09 9.42 13.29
C PRO A 41 12.14 10.04 11.90
N GLY A 42 11.18 10.91 11.60
CA GLY A 42 11.14 11.59 10.32
C GLY A 42 11.34 10.65 9.14
N HIS A 43 11.25 9.36 9.41
CA HIS A 43 11.36 8.34 8.36
C HIS A 43 9.97 7.79 8.05
N GLY A 44 9.89 6.91 7.07
CA GLY A 44 8.61 6.34 6.68
C GLY A 44 8.33 4.99 7.30
N LEU A 45 7.21 4.39 6.88
CA LEU A 45 6.74 3.12 7.42
C LEU A 45 7.46 1.96 6.74
N GLU A 46 7.87 0.98 7.52
CA GLU A 46 8.48 -0.26 7.02
C GLU A 46 7.78 -1.47 7.66
N TRP A 47 7.72 -2.59 6.95
CA TRP A 47 6.99 -3.77 7.43
C TRP A 47 7.94 -4.73 8.14
N ILE A 48 7.67 -4.99 9.41
CA ILE A 48 8.54 -5.82 10.24
C ILE A 48 8.24 -7.29 10.01
N GLY A 49 6.97 -7.66 10.21
CA GLY A 49 6.55 -9.05 10.08
C GLY A 49 5.12 -9.26 10.55
N GLU A 50 4.76 -10.53 10.78
CA GLU A 50 3.39 -10.90 11.13
C GLU A 50 3.33 -12.25 11.85
N ILE A 51 2.21 -12.53 12.50
CA ILE A 51 1.98 -13.84 13.13
C ILE A 51 0.49 -14.13 13.21
N LEU A 52 0.09 -15.35 12.85
CA LEU A 52 -1.30 -15.74 12.95
C LEU A 52 -1.52 -16.46 14.28
N PRO A 53 -2.32 -15.85 15.17
CA PRO A 53 -2.84 -16.63 16.27
C PRO A 53 -4.01 -17.47 15.77
N GLY A 54 -4.30 -18.63 16.38
CA GLY A 54 -3.46 -19.30 17.36
C GLY A 54 -2.75 -20.41 16.64
N SER A 55 -1.72 -20.05 15.87
CA SER A 55 -0.96 -20.98 15.06
C SER A 55 0.51 -20.82 15.40
N SER A 56 1.33 -21.69 14.82
CA SER A 56 2.79 -21.65 15.00
C SER A 56 3.47 -20.96 13.81
N SER A 57 2.71 -20.12 13.10
CA SER A 57 3.11 -19.64 11.79
C SER A 57 3.32 -18.13 11.79
N THR A 58 4.48 -17.70 11.27
CA THR A 58 4.86 -16.28 11.26
C THR A 58 5.69 -15.98 10.03
N ASN A 59 5.69 -14.73 9.60
CA ASN A 59 6.60 -14.28 8.56
C ASN A 59 7.30 -13.03 9.02
N CYS A 60 8.31 -12.62 8.27
CA CYS A 60 9.04 -11.39 8.55
C CYS A 60 9.73 -10.89 7.30
N ASN A 61 10.04 -9.60 7.28
CA ASN A 61 10.98 -9.07 6.31
C ASN A 61 12.33 -9.65 6.66
N GLU A 62 13.11 -10.01 5.64
CA GLU A 62 14.42 -10.62 5.87
C GLU A 62 15.33 -9.74 6.71
N MET A 63 15.31 -8.44 6.46
CA MET A 63 16.18 -7.50 7.16
C MET A 63 16.13 -7.64 8.67
N PHE A 64 14.95 -7.96 9.21
CA PHE A 64 14.78 -8.08 10.66
C PHE A 64 15.07 -9.49 11.19
N LYS A 65 15.99 -10.19 10.52
CA LYS A 65 16.41 -11.53 10.93
C LYS A 65 17.22 -11.42 12.21
N GLY A 66 16.77 -12.12 13.26
CA GLY A 66 17.44 -12.11 14.56
C GLY A 66 16.90 -11.05 15.51
N LYS A 67 16.28 -10.00 14.97
CA LYS A 67 15.79 -8.90 15.77
C LYS A 67 14.36 -9.18 16.24
N ALA A 68 13.43 -9.29 15.29
CA ALA A 68 12.01 -9.43 15.60
C ALA A 68 11.62 -10.89 15.82
N THR A 69 10.86 -11.15 16.89
CA THR A 69 10.44 -12.50 17.26
C THR A 69 9.00 -12.45 17.78
N PHE A 70 8.12 -13.21 17.13
CA PHE A 70 6.69 -13.08 17.35
C PHE A 70 6.05 -14.28 18.06
N THR A 71 5.12 -13.98 18.95
CA THR A 71 4.33 -14.97 19.67
C THR A 71 2.94 -14.41 19.94
N ALA A 72 2.03 -15.25 20.44
CA ALA A 72 0.68 -14.78 20.77
C ALA A 72 -0.01 -15.66 21.80
N ASP A 73 -0.78 -15.04 22.69
CA ASP A 73 -1.50 -15.76 23.72
C ASP A 73 -3.00 -15.61 23.50
N THR A 74 -3.63 -16.68 23.06
CA THR A 74 -5.04 -16.66 22.67
C THR A 74 -5.96 -16.44 23.85
N SER A 75 -5.62 -17.06 24.96
CA SER A 75 -6.36 -16.85 26.20
C SER A 75 -6.54 -15.37 26.43
N SER A 76 -5.43 -14.62 26.34
CA SER A 76 -5.40 -13.19 26.61
C SER A 76 -5.63 -12.29 25.39
N ASN A 77 -5.94 -12.87 24.24
CA ASN A 77 -6.06 -12.12 22.98
C ASN A 77 -4.94 -11.09 22.85
N SER A 78 -3.72 -11.59 22.88
CA SER A 78 -2.55 -10.73 22.87
C SER A 78 -1.49 -11.25 21.92
N ALA A 79 -0.86 -10.34 21.20
CA ALA A 79 0.24 -10.64 20.30
C ALA A 79 1.47 -9.88 20.76
N TYR A 80 2.64 -10.45 20.55
CA TYR A 80 3.88 -9.90 21.08
C TYR A 80 4.97 -9.81 19.99
N MET A 81 5.93 -8.90 20.20
CA MET A 81 7.12 -8.82 19.34
C MET A 81 8.35 -8.44 20.16
N GLN A 82 9.28 -9.38 20.30
CA GLN A 82 10.54 -9.11 20.99
C GLN A 82 11.53 -8.53 19.99
N LEU A 83 12.28 -7.52 20.42
CA LEU A 83 13.42 -7.01 19.65
C LEU A 83 14.68 -7.16 20.49
N SER A 84 15.55 -8.09 20.07
CA SER A 84 16.74 -8.46 20.83
C SER A 84 17.97 -7.72 20.31
N SER A 85 18.99 -7.63 21.17
CA SER A 85 20.25 -6.95 20.82
C SER A 85 20.01 -5.57 20.20
N LEU A 86 19.48 -4.66 21.01
CA LEU A 86 19.07 -3.33 20.53
C LEU A 86 20.25 -2.41 20.26
N THR A 87 20.04 -1.48 19.33
CA THR A 87 21.03 -0.45 19.01
C THR A 87 20.33 0.90 19.00
N THR A 88 21.12 1.94 18.73
CA THR A 88 20.60 3.27 18.42
C THR A 88 19.39 3.18 17.50
N GLU A 89 19.58 2.47 16.39
CA GLU A 89 18.67 2.55 15.26
C GLU A 89 17.39 1.72 15.41
N ASP A 90 17.18 1.16 16.60
CA ASP A 90 15.91 0.55 16.93
C ASP A 90 14.97 1.58 17.55
N SER A 91 15.51 2.75 17.90
CA SER A 91 14.68 3.88 18.35
C SER A 91 13.65 4.21 17.27
N ALA A 92 12.39 3.88 17.54
CA ALA A 92 11.31 4.09 16.57
C ALA A 92 9.94 3.95 17.21
N ILE A 93 8.91 4.40 16.48
CA ILE A 93 7.52 4.11 16.82
C ILE A 93 7.25 2.74 16.23
N TYR A 94 6.35 1.97 16.84
CA TYR A 94 6.01 0.65 16.31
C TYR A 94 4.51 0.41 16.37
N TYR A 95 3.87 0.39 15.20
CA TYR A 95 2.43 0.21 15.11
C TYR A 95 2.10 -1.25 14.84
N CYS A 96 0.92 -1.67 15.30
CA CYS A 96 0.38 -2.97 14.93
C CYS A 96 -0.95 -2.75 14.22
N THR A 97 -1.17 -3.55 13.18
CA THR A 97 -2.45 -3.57 12.48
C THR A 97 -2.80 -5.05 12.25
N ARG A 98 -3.97 -5.28 11.65
CA ARG A 98 -4.44 -6.65 11.40
C ARG A 98 -4.60 -6.92 9.92
N ASP A 99 -4.38 -8.17 9.54
CA ASP A 99 -4.57 -8.64 8.17
C ASP A 99 -5.33 -9.96 8.21
N PHE A 100 -6.58 -9.93 7.77
CA PHE A 100 -7.46 -11.10 7.76
C PHE A 100 -6.78 -12.28 7.07
N SER A 101 -6.98 -13.47 7.63
CA SER A 101 -6.33 -14.69 7.13
C SER A 101 -7.04 -15.18 5.88
N GLY A 102 -8.35 -15.03 5.88
CA GLY A 102 -9.17 -15.42 4.74
C GLY A 102 -9.08 -14.42 3.61
N ASP A 103 -9.89 -14.66 2.59
CA ASP A 103 -10.00 -13.77 1.45
C ASP A 103 -11.20 -12.88 1.72
N ARG A 104 -11.05 -11.59 1.43
CA ARG A 104 -12.00 -10.52 1.79
C ARG A 104 -11.16 -9.25 2.01
N SER A 105 -10.82 -8.62 0.90
CA SER A 105 -9.84 -7.53 0.89
C SER A 105 -10.17 -6.40 1.86
N ASN A 106 -11.46 -6.13 2.03
CA ASN A 106 -11.92 -5.09 2.97
C ASN A 106 -11.41 -5.25 4.40
N LEU A 107 -11.00 -6.46 4.78
CA LEU A 107 -10.52 -6.74 6.13
C LEU A 107 -8.97 -6.79 6.25
N TYR A 108 -8.26 -6.22 5.28
CA TYR A 108 -6.79 -6.18 5.33
C TYR A 108 -6.28 -4.80 5.74
N PHE A 109 -5.45 -4.75 6.78
CA PHE A 109 -4.80 -3.51 7.23
C PHE A 109 -5.83 -2.41 7.48
N ASP A 110 -7.00 -2.81 7.98
CA ASP A 110 -8.15 -1.92 8.10
C ASP A 110 -8.15 -1.11 9.40
N VAL A 111 -7.66 -1.72 10.47
CA VAL A 111 -7.64 -1.06 11.79
C VAL A 111 -6.24 -1.12 12.42
N TRP A 112 -5.89 -0.07 13.14
CA TRP A 112 -4.51 0.20 13.54
C TRP A 112 -4.38 0.54 15.01
N GLY A 113 -3.38 -0.05 15.65
CA GLY A 113 -2.91 0.45 16.93
C GLY A 113 -2.30 1.82 16.72
N THR A 114 -2.15 2.57 17.82
CA THR A 114 -1.65 3.93 17.74
C THR A 114 -0.17 4.03 18.08
N GLY A 115 0.48 2.89 18.30
CA GLY A 115 1.93 2.80 18.29
C GLY A 115 2.57 2.76 19.65
N THR A 116 3.74 2.14 19.72
CA THR A 116 4.57 2.12 20.92
C THR A 116 5.90 2.75 20.59
N THR A 117 6.35 3.66 21.45
CA THR A 117 7.67 4.24 21.28
C THR A 117 8.69 3.36 21.95
N VAL A 118 9.76 3.06 21.22
CA VAL A 118 10.92 2.44 21.79
C VAL A 118 12.07 3.37 21.52
N THR A 119 12.68 3.84 22.60
CA THR A 119 13.87 4.67 22.51
C THR A 119 15.01 3.91 23.18
N VAL A 120 16.11 3.75 22.46
CA VAL A 120 17.29 3.07 22.96
C VAL A 120 18.44 4.05 23.08
N SER A 121 19.07 4.11 24.26
CA SER A 121 20.25 4.98 24.45
C SER A 121 21.10 4.56 25.64
N SER A 122 22.36 5.00 25.61
CA SER A 122 23.30 4.79 26.72
C SER A 122 22.99 5.69 27.91
N ALA A 123 22.57 6.92 27.61
CA ALA A 123 22.45 7.98 28.60
C ALA A 123 21.39 7.69 29.67
N LYS A 124 21.56 8.37 30.81
CA LYS A 124 20.71 8.17 31.99
C LYS A 124 19.99 9.48 32.30
N THR A 125 18.88 9.39 33.03
CA THR A 125 18.01 10.54 33.29
C THR A 125 18.85 11.79 33.61
N THR A 126 18.71 12.81 32.78
CA THR A 126 19.49 14.05 32.92
C THR A 126 18.60 15.28 32.73
N PRO A 127 18.53 16.15 33.75
CA PRO A 127 17.75 17.37 33.57
C PRO A 127 18.40 18.33 32.58
N PRO A 128 17.68 19.37 32.14
CA PRO A 128 18.22 20.29 31.14
C PRO A 128 19.05 21.42 31.72
N SER A 129 19.98 21.94 30.93
CA SER A 129 20.76 23.14 31.27
C SER A 129 20.15 24.34 30.56
N VAL A 130 19.30 25.09 31.27
CA VAL A 130 18.55 26.17 30.66
C VAL A 130 19.35 27.47 30.62
N TYR A 131 19.88 27.80 29.46
CA TYR A 131 20.63 29.03 29.26
C TYR A 131 19.73 30.05 28.55
N PRO A 132 19.79 31.33 28.97
CA PRO A 132 18.96 32.38 28.37
C PRO A 132 19.61 33.07 27.17
N LEU A 133 18.79 33.53 26.24
CA LEU A 133 19.27 34.15 25.02
C LEU A 133 18.58 35.49 24.79
N ALA A 134 19.30 36.57 25.09
CA ALA A 134 18.83 37.93 24.86
C ALA A 134 19.62 38.56 23.71
N PRO A 135 19.10 39.66 23.13
CA PRO A 135 19.81 40.41 22.09
C PRO A 135 21.29 40.67 22.38
N THR A 141 13.98 44.89 16.21
CA THR A 141 13.22 45.68 15.24
C THR A 141 12.50 46.85 15.93
N ASN A 142 12.17 47.88 15.14
CA ASN A 142 11.35 49.00 15.63
C ASN A 142 10.14 48.54 16.45
N SER A 143 9.33 47.68 15.84
CA SER A 143 8.10 47.21 16.47
C SER A 143 8.33 46.05 17.42
N MET A 144 9.01 45.00 16.94
CA MET A 144 9.10 43.73 17.66
C MET A 144 10.52 43.36 18.10
N VAL A 145 10.62 42.67 19.24
CA VAL A 145 11.88 42.14 19.73
C VAL A 145 11.69 40.66 20.04
N THR A 146 12.56 39.83 19.47
CA THR A 146 12.48 38.37 19.68
C THR A 146 13.48 37.94 20.74
N LEU A 147 13.01 37.12 21.69
CA LEU A 147 13.84 36.58 22.76
C LEU A 147 13.86 35.06 22.67
N GLY A 148 14.84 34.45 23.34
CA GLY A 148 15.01 33.00 23.27
C GLY A 148 15.38 32.35 24.58
N CYS A 149 14.99 31.08 24.71
CA CYS A 149 15.36 30.26 25.84
C CYS A 149 15.85 28.93 25.29
N LEU A 150 17.05 28.52 25.71
CA LEU A 150 17.73 27.35 25.14
C LEU A 150 17.81 26.21 26.14
N VAL A 151 17.15 25.11 25.83
CA VAL A 151 17.24 23.87 26.62
C VAL A 151 18.29 22.93 25.99
N LYS A 152 19.36 22.68 26.72
CA LYS A 152 20.46 21.85 26.19
C LYS A 152 20.79 20.68 27.12
N GLY A 153 21.22 19.58 26.51
CA GLY A 153 21.83 18.46 27.23
C GLY A 153 20.96 17.77 28.25
N TYR A 154 19.82 17.23 27.80
CA TYR A 154 18.90 16.53 28.68
C TYR A 154 18.55 15.15 28.16
N PHE A 155 17.89 14.37 29.01
CA PHE A 155 17.44 13.04 28.66
C PHE A 155 16.54 12.50 29.76
N PRO A 156 15.42 11.85 29.40
CA PRO A 156 14.84 11.64 28.08
C PRO A 156 13.90 12.77 27.62
N GLU A 157 13.26 12.57 26.47
CA GLU A 157 12.13 13.38 26.05
C GLU A 157 10.94 13.04 26.93
N PRO A 158 9.97 13.95 27.05
CA PRO A 158 9.95 15.32 26.58
C PRO A 158 10.27 16.34 27.68
N VAL A 159 10.27 17.60 27.28
CA VAL A 159 10.17 18.72 28.19
C VAL A 159 8.98 19.55 27.75
N THR A 160 8.37 20.26 28.67
CA THR A 160 7.43 21.32 28.31
C THR A 160 8.11 22.67 28.53
N VAL A 161 7.93 23.57 27.59
CA VAL A 161 8.46 24.92 27.66
C VAL A 161 7.27 25.87 27.52
N THR A 162 7.16 26.80 28.45
CA THR A 162 6.17 27.87 28.35
C THR A 162 6.84 29.20 28.70
N TRP A 163 6.12 30.29 28.46
CA TRP A 163 6.65 31.62 28.68
C TRP A 163 5.68 32.40 29.56
N ASN A 164 6.23 33.07 30.57
CA ASN A 164 5.41 33.71 31.59
C ASN A 164 4.27 32.78 32.05
N SER A 165 4.65 31.53 32.31
CA SER A 165 3.77 30.50 32.83
C SER A 165 2.49 30.32 32.02
N GLY A 166 2.62 30.39 30.70
CA GLY A 166 1.49 30.12 29.79
C GLY A 166 0.71 31.34 29.38
N SER A 167 0.72 32.39 30.21
CA SER A 167 0.01 33.61 29.90
C SER A 167 0.49 34.18 28.57
N LEU A 168 1.77 33.94 28.25
CA LEU A 168 2.38 34.40 27.00
C LEU A 168 2.52 33.26 25.99
N SER A 169 1.50 33.08 25.16
CA SER A 169 1.50 32.06 24.11
C SER A 169 1.59 32.67 22.72
N SER A 170 2.09 33.91 22.63
CA SER A 170 1.97 34.75 21.44
C SER A 170 2.82 34.28 20.26
N GLY A 171 4.05 34.79 20.16
CA GLY A 171 4.91 34.49 19.04
C GLY A 171 5.88 33.42 19.42
N VAL A 172 5.35 32.30 19.91
CA VAL A 172 6.15 31.24 20.53
C VAL A 172 6.44 30.13 19.53
N HIS A 173 7.73 29.82 19.36
CA HIS A 173 8.14 28.67 18.57
C HIS A 173 9.01 27.74 19.42
N THR A 174 8.52 26.53 19.66
CA THR A 174 9.30 25.48 20.31
C THR A 174 9.68 24.43 19.28
N PHE A 175 10.98 24.22 19.11
CA PHE A 175 11.48 23.32 18.08
C PHE A 175 11.69 21.90 18.63
N PRO A 176 11.44 20.88 17.80
CA PRO A 176 11.70 19.51 18.23
C PRO A 176 13.17 19.28 18.53
N ALA A 177 13.47 18.45 19.51
CA ALA A 177 14.83 18.27 19.98
C ALA A 177 15.72 17.56 18.96
N VAL A 178 17.02 17.83 19.04
CA VAL A 178 18.02 17.16 18.22
C VAL A 178 19.09 16.62 19.16
N LEU A 179 19.71 15.50 18.78
CA LEU A 179 20.72 14.89 19.62
C LEU A 179 22.07 15.60 19.47
N GLN A 180 22.46 16.31 20.53
CA GLN A 180 23.82 16.82 20.67
C GLN A 180 24.49 15.93 21.70
N SER A 181 25.33 15.01 21.21
CA SER A 181 25.89 13.91 22.01
C SER A 181 24.80 12.84 22.22
N ASP A 182 24.87 12.12 23.34
CA ASP A 182 23.79 11.19 23.73
C ASP A 182 22.58 11.92 24.31
N LEU A 183 22.68 13.25 24.42
CA LEU A 183 21.66 14.10 25.01
C LEU A 183 20.91 14.88 23.94
N TYR A 184 19.67 15.25 24.28
CA TYR A 184 18.87 16.11 23.41
C TYR A 184 19.26 17.57 23.57
N THR A 185 18.70 18.42 22.73
CA THR A 185 18.91 19.86 22.81
C THR A 185 17.85 20.55 21.97
N LEU A 186 17.18 21.55 22.54
CA LEU A 186 16.20 22.33 21.78
C LEU A 186 16.20 23.79 22.19
N SER A 187 15.60 24.63 21.37
CA SER A 187 15.52 26.04 21.64
C SER A 187 14.07 26.48 21.47
N SER A 188 13.72 27.55 22.17
CA SER A 188 12.39 28.13 22.09
C SER A 188 12.52 29.63 21.89
N SER A 189 11.72 30.18 20.97
CA SER A 189 11.74 31.61 20.69
C SER A 189 10.39 32.20 21.05
N VAL A 190 10.38 33.45 21.49
CA VAL A 190 9.15 34.18 21.71
C VAL A 190 9.30 35.60 21.14
N THR A 191 8.24 36.08 20.50
CA THR A 191 8.25 37.37 19.84
C THR A 191 7.30 38.33 20.54
N VAL A 192 7.83 39.46 20.99
CA VAL A 192 7.03 40.44 21.73
C VAL A 192 7.41 41.86 21.32
N PRO A 193 6.50 42.83 21.56
CA PRO A 193 6.76 44.22 21.23
C PRO A 193 8.03 44.80 21.88
N SER A 194 8.86 45.46 21.08
CA SER A 194 10.13 46.04 21.55
C SER A 194 9.97 46.99 22.74
N SER A 195 8.80 47.63 22.85
CA SER A 195 8.47 48.47 23.99
C SER A 195 8.15 47.65 25.25
N THR A 196 7.68 46.42 25.08
CA THR A 196 7.32 45.55 26.21
C THR A 196 8.53 45.02 27.00
N TRP A 197 9.70 44.99 26.37
CA TRP A 197 10.90 44.42 26.99
C TRP A 197 12.07 45.39 26.90
N PRO A 198 12.78 45.62 28.02
CA PRO A 198 12.59 45.03 29.34
C PRO A 198 11.66 45.87 30.24
N SER A 199 10.59 46.41 29.67
CA SER A 199 9.57 47.10 30.47
C SER A 199 8.98 46.11 31.48
N GLU A 200 8.45 45.00 30.99
CA GLU A 200 8.04 43.89 31.85
C GLU A 200 8.92 42.68 31.55
N THR A 201 9.25 41.93 32.60
CA THR A 201 10.18 40.80 32.51
C THR A 201 9.57 39.63 31.75
N VAL A 202 10.42 38.84 31.10
CA VAL A 202 9.98 37.69 30.31
C VAL A 202 10.73 36.42 30.73
N THR A 203 9.96 35.35 30.97
CA THR A 203 10.50 34.15 31.59
C THR A 203 10.13 32.89 30.83
N CYS A 204 11.12 32.07 30.50
CA CYS A 204 10.84 30.75 29.95
C CYS A 204 10.75 29.77 31.10
N ASN A 205 9.84 28.80 30.98
CA ASN A 205 9.54 27.84 32.04
C ASN A 205 9.67 26.41 31.54
N VAL A 206 10.76 25.75 31.93
CA VAL A 206 11.15 24.45 31.39
C VAL A 206 10.88 23.31 32.39
N ALA A 207 9.95 22.42 32.05
CA ALA A 207 9.69 21.24 32.88
C ALA A 207 10.18 19.99 32.15
N HIS A 208 10.95 19.16 32.87
CA HIS A 208 11.48 17.90 32.35
C HIS A 208 10.99 16.78 33.29
N PRO A 209 9.73 16.30 33.07
CA PRO A 209 9.02 15.34 33.94
C PRO A 209 9.80 14.12 34.40
N ALA A 210 10.64 13.57 33.53
CA ALA A 210 11.45 12.39 33.85
C ALA A 210 12.29 12.61 35.09
N SER A 211 12.98 13.76 35.14
CA SER A 211 13.85 14.12 36.25
C SER A 211 13.14 15.02 37.26
N SER A 212 11.82 15.03 37.25
CA SER A 212 11.02 15.77 38.23
C SER A 212 11.36 17.26 38.28
N THR A 213 11.64 17.85 37.12
CA THR A 213 12.20 19.20 37.06
C THR A 213 11.20 20.25 36.56
N LYS A 214 11.34 21.45 37.11
CA LYS A 214 10.61 22.64 36.63
C LYS A 214 11.45 23.88 36.95
N VAL A 215 12.17 24.37 35.96
CA VAL A 215 13.15 25.44 36.13
C VAL A 215 12.75 26.68 35.32
N ASP A 216 13.00 27.84 35.90
CA ASP A 216 12.58 29.11 35.32
C ASP A 216 13.78 30.02 35.07
N LYS A 217 13.74 30.78 33.98
CA LYS A 217 14.86 31.64 33.57
C LYS A 217 14.34 32.86 32.84
N LYS A 218 14.60 34.05 33.40
CA LYS A 218 14.13 35.28 32.77
C LYS A 218 15.23 35.94 31.97
N ILE A 219 14.82 36.77 31.01
CA ILE A 219 15.70 37.32 30.00
C ILE A 219 16.03 38.78 30.30
N VAL A 220 17.32 39.09 30.34
CA VAL A 220 17.80 40.43 30.74
C VAL A 220 18.95 40.88 29.84
N PRO A 221 19.04 42.19 29.55
CA PRO A 221 20.18 42.74 28.79
C PRO A 221 21.56 42.33 29.34
N ARG A 222 22.54 42.18 28.45
CA ARG A 222 23.77 41.42 28.74
C ARG A 222 24.91 42.24 29.39
N ASP A 223 25.56 43.10 28.60
CA ASP A 223 26.83 43.72 29.02
C ASP A 223 26.62 44.76 30.13
N ASP B 1 11.42 -9.38 -3.32
CA ASP B 1 10.90 -8.16 -2.63
C ASP B 1 10.46 -7.10 -3.64
N ILE B 2 9.18 -6.78 -3.66
CA ILE B 2 8.64 -5.75 -4.54
C ILE B 2 8.96 -4.40 -3.91
N GLN B 3 9.09 -3.35 -4.72
CA GLN B 3 9.25 -2.00 -4.19
C GLN B 3 8.21 -1.05 -4.78
N MET B 4 7.82 -0.06 -3.98
CA MET B 4 6.87 0.96 -4.39
C MET B 4 7.56 2.30 -4.37
N THR B 5 7.50 3.01 -5.49
CA THR B 5 8.11 4.32 -5.61
C THR B 5 6.99 5.34 -5.59
N GLN B 6 6.89 6.08 -4.48
CA GLN B 6 5.82 7.04 -4.28
C GLN B 6 6.24 8.44 -4.66
N SER B 7 5.33 9.18 -5.28
CA SER B 7 5.57 10.60 -5.56
C SER B 7 4.23 11.33 -5.71
N PRO B 8 4.21 12.64 -5.41
CA PRO B 8 5.35 13.44 -4.94
C PRO B 8 5.67 13.19 -3.47
N SER B 9 6.93 13.37 -3.09
CA SER B 9 7.35 13.26 -1.70
C SER B 9 6.77 14.40 -0.87
N SER B 10 6.73 15.58 -1.46
CA SER B 10 6.13 16.74 -0.83
C SER B 10 5.32 17.49 -1.87
N LEU B 11 4.19 18.05 -1.46
CA LEU B 11 3.28 18.72 -2.38
C LEU B 11 2.50 19.82 -1.67
N SER B 12 2.45 21.01 -2.28
CA SER B 12 1.71 22.13 -1.72
C SER B 12 0.50 22.46 -2.60
N ALA B 13 -0.61 22.79 -1.98
CA ALA B 13 -1.84 23.12 -2.70
C ALA B 13 -2.79 23.95 -1.86
N SER B 14 -3.84 24.47 -2.48
CA SER B 14 -4.79 25.33 -1.80
C SER B 14 -6.11 24.61 -1.62
N LEU B 15 -7.02 25.24 -0.88
CA LEU B 15 -8.37 24.71 -0.69
C LEU B 15 -9.13 24.77 -2.02
N GLY B 16 -9.81 23.67 -2.34
CA GLY B 16 -10.50 23.53 -3.61
C GLY B 16 -9.71 22.72 -4.60
N GLU B 17 -8.38 22.92 -4.63
CA GLU B 17 -7.53 22.26 -5.60
C GLU B 17 -7.62 20.75 -5.54
N ARG B 18 -7.69 20.13 -6.71
CA ARG B 18 -7.61 18.68 -6.84
C ARG B 18 -6.15 18.29 -6.92
N VAL B 19 -5.82 17.12 -6.36
CA VAL B 19 -4.44 16.63 -6.33
C VAL B 19 -4.40 15.13 -6.49
N SER B 20 -3.24 14.61 -6.85
CA SER B 20 -3.08 13.18 -7.01
C SER B 20 -1.67 12.79 -6.68
N LEU B 21 -1.52 11.63 -6.05
CA LEU B 21 -0.21 11.06 -5.79
C LEU B 21 -0.18 9.63 -6.32
N THR B 22 1.02 9.09 -6.50
CA THR B 22 1.20 7.84 -7.24
C THR B 22 2.25 6.93 -6.63
N CYS B 23 1.93 5.64 -6.58
CA CYS B 23 2.89 4.59 -6.26
C CYS B 23 3.08 3.69 -7.49
N ARG B 24 4.34 3.43 -7.86
CA ARG B 24 4.68 2.59 -9.00
C ARG B 24 5.27 1.28 -8.51
N ALA B 25 4.65 0.16 -8.89
CA ALA B 25 5.15 -1.15 -8.50
C ALA B 25 6.28 -1.61 -9.43
N SER B 26 7.31 -2.21 -8.85
CA SER B 26 8.41 -2.79 -9.62
C SER B 26 8.01 -4.14 -10.23
N GLN B 27 6.93 -4.75 -9.71
CA GLN B 27 6.34 -5.95 -10.29
C GLN B 27 4.83 -5.82 -10.34
N ASP B 28 4.15 -6.78 -10.96
CA ASP B 28 2.70 -6.80 -10.96
C ASP B 28 2.19 -7.14 -9.56
N ILE B 29 1.21 -6.39 -9.07
CA ILE B 29 0.59 -6.66 -7.77
C ILE B 29 -0.94 -6.68 -7.84
N GLY B 30 -1.47 -6.88 -9.05
CA GLY B 30 -2.92 -6.89 -9.22
C GLY B 30 -3.53 -5.61 -8.72
N SER B 31 -4.71 -5.70 -8.13
CA SER B 31 -5.37 -4.54 -7.54
C SER B 31 -5.14 -4.50 -6.04
N SER B 32 -4.11 -5.20 -5.57
CA SER B 32 -3.87 -5.33 -4.13
C SER B 32 -2.92 -4.25 -3.62
N LEU B 33 -3.36 -3.00 -3.72
CA LEU B 33 -2.66 -1.88 -3.10
C LEU B 33 -3.64 -1.06 -2.26
N ASN B 34 -3.23 -0.70 -1.04
CA ASN B 34 -4.03 0.12 -0.15
C ASN B 34 -3.38 1.46 0.11
N TRP B 35 -4.18 2.45 0.48
CA TRP B 35 -3.69 3.78 0.80
C TRP B 35 -3.94 4.11 2.27
N LEU B 36 -2.98 4.81 2.86
CA LEU B 36 -2.98 5.10 4.28
C LEU B 36 -2.81 6.59 4.50
N GLN B 37 -3.33 7.07 5.62
CA GLN B 37 -3.26 8.47 6.00
C GLN B 37 -2.75 8.55 7.45
N GLN B 38 -1.69 9.31 7.67
CA GLN B 38 -1.14 9.46 9.01
C GLN B 38 -1.31 10.88 9.51
N GLU B 39 -1.90 10.99 10.69
CA GLU B 39 -2.17 12.27 11.32
C GLU B 39 -0.88 12.84 11.90
N PRO B 40 -0.85 14.16 12.14
CA PRO B 40 0.35 14.76 12.73
C PRO B 40 0.72 14.09 14.04
N ASP B 41 -0.28 13.63 14.79
CA ASP B 41 -0.03 12.92 16.04
C ASP B 41 0.40 11.45 15.87
N GLY B 42 0.66 11.01 14.63
CA GLY B 42 1.12 9.63 14.37
C GLY B 42 0.01 8.63 14.07
N THR B 43 -1.24 9.03 14.29
CA THR B 43 -2.38 8.13 14.11
C THR B 43 -2.55 7.75 12.65
N ILE B 44 -2.64 6.45 12.39
CA ILE B 44 -2.77 5.93 11.02
C ILE B 44 -4.15 5.35 10.76
N LYS B 45 -4.81 5.85 9.71
CA LYS B 45 -6.10 5.35 9.25
C LYS B 45 -5.99 4.93 7.80
N ARG B 46 -6.80 3.95 7.40
CA ARG B 46 -6.86 3.46 6.02
C ARG B 46 -7.96 4.20 5.25
N LEU B 47 -7.67 4.60 4.01
CA LEU B 47 -8.64 5.32 3.16
C LEU B 47 -9.18 4.48 2.00
N ILE B 48 -8.27 3.89 1.24
CA ILE B 48 -8.61 3.09 0.08
C ILE B 48 -8.05 1.69 0.24
N TYR B 49 -8.89 0.69 -0.01
CA TYR B 49 -8.42 -0.70 -0.07
C TYR B 49 -8.64 -1.24 -1.48
N ALA B 50 -7.81 -2.22 -1.86
CA ALA B 50 -7.89 -2.86 -3.16
C ALA B 50 -7.93 -1.83 -4.28
N THR B 51 -6.93 -0.97 -4.32
CA THR B 51 -6.74 0.02 -5.39
C THR B 51 -7.79 1.11 -5.44
N SER B 52 -9.06 0.72 -5.56
CA SER B 52 -10.15 1.68 -5.80
C SER B 52 -11.26 1.71 -4.74
N SER B 53 -11.35 0.71 -3.85
CA SER B 53 -12.44 0.66 -2.88
C SER B 53 -12.24 1.66 -1.76
N LEU B 54 -13.26 2.51 -1.56
CA LEU B 54 -13.28 3.51 -0.49
C LEU B 54 -13.61 2.87 0.87
N ASP B 55 -12.98 3.35 1.94
CA ASP B 55 -13.34 2.93 3.31
C ASP B 55 -14.64 3.57 3.74
N SER B 56 -15.32 2.96 4.72
CA SER B 56 -16.59 3.49 5.21
C SER B 56 -16.34 4.77 6.01
N GLY B 57 -17.16 5.78 5.76
CA GLY B 57 -17.01 7.08 6.42
C GLY B 57 -16.03 8.04 5.75
N VAL B 58 -15.20 7.54 4.83
CA VAL B 58 -14.24 8.39 4.13
C VAL B 58 -15.04 9.23 3.15
N PRO B 59 -14.76 10.55 3.08
CA PRO B 59 -15.58 11.42 2.24
C PRO B 59 -15.30 11.18 0.76
N LYS B 60 -16.33 11.25 -0.07
CA LYS B 60 -16.27 10.67 -1.42
C LYS B 60 -15.36 11.40 -2.40
N ARG B 61 -14.81 12.54 -1.99
CA ARG B 61 -13.77 13.25 -2.74
C ARG B 61 -12.44 12.47 -2.86
N PHE B 62 -12.20 11.52 -1.96
CA PHE B 62 -11.08 10.60 -2.08
C PHE B 62 -11.49 9.46 -3.03
N SER B 63 -10.55 9.04 -3.88
CA SER B 63 -10.83 8.03 -4.89
C SER B 63 -9.54 7.35 -5.37
N GLY B 64 -9.67 6.07 -5.72
CA GLY B 64 -8.54 5.24 -6.14
C GLY B 64 -8.64 4.74 -7.57
N SER B 65 -7.49 4.42 -8.16
CA SER B 65 -7.43 4.06 -9.58
C SER B 65 -6.07 3.52 -9.96
N ARG B 66 -6.05 2.52 -10.84
CA ARG B 66 -4.80 2.00 -11.39
C ARG B 66 -4.61 2.43 -12.83
N SER B 67 -3.34 2.53 -13.24
CA SER B 67 -2.95 2.53 -14.64
C SER B 67 -1.63 1.76 -14.79
N GLY B 68 -1.72 0.51 -15.21
CA GLY B 68 -0.54 -0.33 -15.42
C GLY B 68 0.18 -0.65 -14.12
N SER B 69 1.36 -0.06 -13.93
CA SER B 69 2.10 -0.23 -12.68
C SER B 69 1.92 0.97 -11.75
N ASP B 70 1.23 2.01 -12.23
CA ASP B 70 1.01 3.24 -11.46
C ASP B 70 -0.39 3.28 -10.84
N TYR B 71 -0.45 3.08 -9.53
CA TYR B 71 -1.70 3.07 -8.77
C TYR B 71 -1.78 4.43 -8.08
N SER B 72 -2.87 5.17 -8.31
CA SER B 72 -2.89 6.62 -8.01
C SER B 72 -4.05 7.06 -7.11
N LEU B 73 -3.71 7.58 -5.94
CA LEU B 73 -4.70 8.13 -5.00
C LEU B 73 -5.03 9.57 -5.39
N THR B 74 -6.32 9.91 -5.42
CA THR B 74 -6.76 11.22 -5.89
C THR B 74 -7.77 11.89 -4.97
N ILE B 75 -7.50 13.16 -4.65
CA ILE B 75 -8.40 14.00 -3.84
C ILE B 75 -8.87 15.15 -4.71
N SER B 76 -10.17 15.45 -4.70
CA SER B 76 -10.71 16.51 -5.54
C SER B 76 -10.74 17.89 -4.84
N ARG B 77 -11.69 18.10 -3.92
CA ARG B 77 -11.80 19.41 -3.26
C ARG B 77 -11.17 19.41 -1.89
N LEU B 78 -9.90 19.80 -1.83
CA LEU B 78 -9.12 19.75 -0.59
C LEU B 78 -9.78 20.47 0.57
N GLU B 79 -9.62 19.89 1.75
CA GLU B 79 -10.05 20.49 3.00
C GLU B 79 -8.83 20.65 3.89
N SER B 80 -8.95 21.54 4.87
CA SER B 80 -7.89 21.78 5.85
C SER B 80 -7.51 20.51 6.60
N GLU B 81 -8.51 19.66 6.84
CA GLU B 81 -8.29 18.37 7.49
C GLU B 81 -7.46 17.40 6.66
N ASP B 82 -7.37 17.63 5.36
CA ASP B 82 -6.69 16.70 4.45
C ASP B 82 -5.17 16.89 4.35
N PHE B 83 -4.65 18.01 4.82
CA PHE B 83 -3.24 18.32 4.62
C PHE B 83 -2.36 17.57 5.60
N VAL B 84 -2.08 16.31 5.27
CA VAL B 84 -1.37 15.38 6.14
C VAL B 84 -0.53 14.42 5.29
N ASP B 85 0.11 13.46 5.96
CA ASP B 85 0.95 12.47 5.30
C ASP B 85 0.12 11.36 4.74
N TYR B 86 0.55 10.82 3.60
CA TYR B 86 -0.12 9.68 2.97
C TYR B 86 0.90 8.65 2.52
N TYR B 87 0.51 7.38 2.57
CA TYR B 87 1.36 6.26 2.18
C TYR B 87 0.54 5.23 1.44
N CYS B 88 1.13 4.54 0.46
CA CYS B 88 0.51 3.36 -0.11
C CYS B 88 1.14 2.10 0.48
N LEU B 89 0.41 1.01 0.35
CA LEU B 89 0.80 -0.27 0.92
C LEU B 89 0.41 -1.36 -0.04
N GLN B 90 1.39 -2.16 -0.49
CA GLN B 90 1.10 -3.36 -1.29
C GLN B 90 1.17 -4.61 -0.41
N TYR B 91 0.22 -5.52 -0.61
CA TYR B 91 0.14 -6.75 0.15
C TYR B 91 0.03 -7.97 -0.77
N ALA B 92 0.48 -7.81 -2.01
CA ALA B 92 0.44 -8.88 -2.98
C ALA B 92 1.27 -10.06 -2.50
N THR B 93 2.53 -9.79 -2.15
CA THR B 93 3.45 -10.84 -1.73
C THR B 93 4.40 -10.34 -0.66
N SER B 94 4.54 -11.11 0.42
CA SER B 94 5.48 -10.78 1.48
C SER B 94 6.89 -10.97 0.94
N PRO B 95 7.83 -10.10 1.33
CA PRO B 95 7.66 -9.03 2.29
C PRO B 95 6.87 -7.85 1.73
N TYR B 96 5.81 -7.46 2.45
CA TYR B 96 4.94 -6.35 2.04
C TYR B 96 5.73 -5.06 2.11
N THR B 97 5.42 -4.11 1.22
CA THR B 97 6.16 -2.85 1.20
C THR B 97 5.27 -1.62 1.13
N PHE B 98 5.85 -0.49 1.53
CA PHE B 98 5.18 0.80 1.62
C PHE B 98 5.78 1.79 0.67
N GLY B 99 5.04 2.85 0.39
CA GLY B 99 5.59 3.98 -0.33
C GLY B 99 6.55 4.77 0.56
N GLY B 100 7.28 5.69 -0.04
CA GLY B 100 8.12 6.59 0.73
C GLY B 100 7.37 7.76 1.33
N GLY B 101 6.04 7.75 1.23
CA GLY B 101 5.20 8.76 1.87
C GLY B 101 5.11 10.08 1.12
N THR B 102 3.98 10.76 1.28
CA THR B 102 3.73 12.06 0.67
C THR B 102 3.19 13.06 1.69
N LYS B 103 3.90 14.17 1.88
CA LYS B 103 3.50 15.21 2.84
C LYS B 103 2.70 16.27 2.12
N LEU B 104 1.51 16.59 2.63
CA LEU B 104 0.60 17.52 1.96
C LEU B 104 0.59 18.89 2.64
N GLU B 105 0.71 19.94 1.82
CA GLU B 105 0.92 21.32 2.28
C GLU B 105 -0.19 22.26 1.84
N ILE B 106 -0.47 23.25 2.68
CA ILE B 106 -1.40 24.33 2.34
C ILE B 106 -0.60 25.42 1.66
N LYS B 107 -1.15 25.95 0.57
CA LYS B 107 -0.47 26.96 -0.24
C LYS B 107 -0.86 28.35 0.24
N ARG B 108 0.13 29.13 0.66
CA ARG B 108 -0.10 30.50 1.13
C ARG B 108 0.85 31.47 0.43
N ALA B 109 0.67 32.77 0.70
CA ALA B 109 1.53 33.80 0.12
C ALA B 109 2.98 33.68 0.59
N ASP B 110 3.88 34.36 -0.09
CA ASP B 110 5.29 34.39 0.30
C ASP B 110 5.45 35.20 1.57
N ALA B 111 6.55 34.95 2.29
CA ALA B 111 6.82 35.63 3.55
C ALA B 111 8.30 35.54 3.92
N ALA B 112 8.90 36.70 4.22
CA ALA B 112 10.31 36.78 4.56
C ALA B 112 10.54 36.28 5.99
N PRO B 113 11.66 35.55 6.21
CA PRO B 113 11.95 35.00 7.53
C PRO B 113 12.54 36.04 8.47
N THR B 114 11.98 36.15 9.67
CA THR B 114 12.50 37.08 10.66
C THR B 114 13.71 36.44 11.33
N VAL B 115 14.90 36.91 10.96
CA VAL B 115 16.15 36.30 11.40
C VAL B 115 16.57 36.91 12.73
N SER B 116 17.24 36.12 13.55
CA SER B 116 17.73 36.58 14.84
C SER B 116 18.94 35.76 15.26
N ILE B 117 20.00 36.44 15.68
CA ILE B 117 21.22 35.77 16.15
C ILE B 117 21.38 36.01 17.65
N PHE B 118 21.92 35.00 18.35
CA PHE B 118 22.02 35.04 19.81
C PHE B 118 23.33 34.45 20.32
N PRO B 119 24.19 35.29 20.92
CA PRO B 119 25.46 34.81 21.48
C PRO B 119 25.28 33.89 22.70
N PRO B 120 26.36 33.19 23.12
CA PRO B 120 26.27 32.30 24.28
C PRO B 120 26.06 33.05 25.58
N SER B 121 25.14 32.56 26.41
CA SER B 121 24.91 33.11 27.74
C SER B 121 26.12 32.82 28.61
N SER B 122 26.34 33.68 29.61
CA SER B 122 27.46 33.52 30.52
C SER B 122 27.34 32.25 31.37
N GLU B 123 26.12 31.74 31.54
CA GLU B 123 25.87 30.54 32.33
C GLU B 123 26.39 29.29 31.62
N GLN B 124 26.29 29.28 30.30
CA GLN B 124 26.86 28.22 29.47
C GLN B 124 28.38 28.36 29.41
N LEU B 125 28.84 29.60 29.28
CA LEU B 125 30.27 29.92 29.28
C LEU B 125 30.92 29.48 30.60
N THR B 126 30.16 29.53 31.69
CA THR B 126 30.60 29.02 32.98
C THR B 126 30.75 27.50 32.93
N SER B 127 29.71 26.80 32.49
CA SER B 127 29.77 25.34 32.34
C SER B 127 30.98 24.93 31.52
N GLY B 128 31.37 25.78 30.56
CA GLY B 128 32.60 25.58 29.80
C GLY B 128 32.40 25.70 28.30
N GLY B 129 31.20 25.38 27.82
CA GLY B 129 30.89 25.37 26.39
C GLY B 129 30.32 26.68 25.87
N ALA B 130 30.01 26.73 24.58
CA ALA B 130 29.46 27.94 23.96
C ALA B 130 28.63 27.64 22.70
N SER B 131 27.39 28.12 22.67
CA SER B 131 26.47 27.89 21.56
C SER B 131 25.92 29.21 21.02
N VAL B 132 25.77 29.28 19.69
CA VAL B 132 25.19 30.44 19.03
C VAL B 132 23.96 30.03 18.22
N VAL B 133 22.84 30.67 18.52
CA VAL B 133 21.54 30.27 17.99
C VAL B 133 21.03 31.26 16.97
N CYS B 134 20.78 30.79 15.75
CA CYS B 134 20.09 31.59 14.76
C CYS B 134 18.65 31.11 14.68
N PHE B 135 17.71 32.03 14.88
CA PHE B 135 16.29 31.74 14.73
C PHE B 135 15.79 32.33 13.43
N LEU B 136 15.26 31.47 12.55
CA LEU B 136 14.65 31.91 11.30
C LEU B 136 13.17 31.59 11.38
N ASN B 137 12.33 32.63 11.38
CA ASN B 137 10.94 32.45 11.76
C ASN B 137 9.93 32.99 10.76
N ASN B 138 8.91 32.18 10.51
CA ASN B 138 7.73 32.59 9.75
C ASN B 138 8.02 32.94 8.31
N PHE B 139 8.22 31.91 7.50
CA PHE B 139 8.51 32.10 6.09
C PHE B 139 7.85 31.02 5.24
N TYR B 140 7.41 31.42 4.06
CA TYR B 140 6.84 30.50 3.08
C TYR B 140 7.34 30.91 1.70
N PRO B 141 7.74 29.94 0.87
CA PRO B 141 7.75 28.50 1.11
C PRO B 141 8.93 28.01 1.94
N LYS B 142 8.97 26.71 2.19
CA LYS B 142 10.03 26.06 2.94
C LYS B 142 11.41 26.21 2.27
N ASP B 143 11.42 26.42 0.95
CA ASP B 143 12.65 26.63 0.19
C ASP B 143 13.57 27.69 0.82
N ILE B 144 14.51 27.24 1.65
CA ILE B 144 15.47 28.14 2.31
C ILE B 144 16.68 27.35 2.82
N ASN B 145 17.84 28.00 3.00
CA ASN B 145 18.98 27.33 3.61
C ASN B 145 19.93 28.27 4.37
N VAL B 146 20.63 27.68 5.35
CA VAL B 146 21.45 28.41 6.33
C VAL B 146 22.91 28.53 5.92
N LYS B 147 23.58 29.54 6.48
CA LYS B 147 25.03 29.65 6.43
C LYS B 147 25.52 30.33 7.71
N TRP B 148 26.61 29.83 8.27
CA TRP B 148 27.27 30.51 9.39
C TRP B 148 28.60 31.09 8.91
N LYS B 149 29.11 32.09 9.62
CA LYS B 149 30.37 32.75 9.25
C LYS B 149 31.18 33.15 10.46
N ILE B 150 32.37 32.54 10.61
CA ILE B 150 33.32 32.88 11.67
C ILE B 150 34.41 33.73 11.05
N ASP B 151 34.28 35.05 11.21
CA ASP B 151 35.16 36.01 10.53
C ASP B 151 35.12 35.79 9.01
N GLY B 152 33.92 35.49 8.49
CA GLY B 152 33.73 35.16 7.08
C GLY B 152 33.63 33.67 6.81
N SER B 153 34.43 32.86 7.53
CA SER B 153 34.56 31.43 7.26
C SER B 153 33.31 30.61 7.55
N GLU B 154 32.74 30.00 6.51
CA GLU B 154 31.65 29.05 6.66
C GLU B 154 32.16 27.84 7.45
N ARG B 155 31.36 27.37 8.41
CA ARG B 155 31.75 26.28 9.31
C ARG B 155 30.94 25.01 9.02
N GLN B 156 31.59 23.85 9.12
CA GLN B 156 30.96 22.58 8.74
C GLN B 156 30.43 21.79 9.96
N ASN B 157 31.28 21.54 10.95
CA ASN B 157 30.89 20.84 12.16
C ASN B 157 30.38 21.81 13.21
N GLY B 158 29.63 21.31 14.18
CA GLY B 158 29.10 22.13 15.28
C GLY B 158 27.69 22.66 15.03
N VAL B 159 27.30 22.78 13.76
CA VAL B 159 25.97 23.25 13.39
C VAL B 159 24.95 22.13 13.57
N LEU B 160 23.79 22.49 14.08
CA LEU B 160 22.63 21.59 14.11
C LEU B 160 21.40 22.38 13.74
N ASN B 161 20.41 21.70 13.16
CA ASN B 161 19.21 22.36 12.69
C ASN B 161 17.93 21.62 13.09
N SER B 162 16.90 22.40 13.39
CA SER B 162 15.58 21.87 13.70
C SER B 162 14.55 22.70 12.94
N TRP B 163 13.47 22.06 12.51
CA TRP B 163 12.42 22.73 11.76
C TRP B 163 11.09 22.40 12.39
N THR B 164 10.12 23.30 12.20
CA THR B 164 8.76 23.05 12.65
C THR B 164 7.90 22.56 11.50
N ASP B 165 6.80 21.88 11.84
CA ASP B 165 5.76 21.61 10.87
C ASP B 165 5.21 22.94 10.43
N GLN B 166 4.41 22.93 9.37
CA GLN B 166 3.72 24.13 8.94
C GLN B 166 2.84 24.62 10.09
N ASP B 167 3.03 25.88 10.46
CA ASP B 167 2.27 26.49 11.53
C ASP B 167 0.79 26.48 11.14
N SER B 168 -0.08 26.19 12.10
CA SER B 168 -1.50 26.03 11.83
C SER B 168 -2.28 27.35 11.94
N LYS B 169 -1.63 28.40 12.44
CA LYS B 169 -2.24 29.72 12.49
C LYS B 169 -1.96 30.54 11.24
N ASP B 170 -0.71 30.95 11.04
CA ASP B 170 -0.35 31.75 9.87
C ASP B 170 -0.02 30.89 8.63
N SER B 171 0.18 29.59 8.84
CA SER B 171 0.49 28.64 7.76
C SER B 171 1.93 28.73 7.23
N THR B 172 2.85 29.23 8.06
CA THR B 172 4.25 29.40 7.68
C THR B 172 5.12 28.31 8.27
N TYR B 173 6.44 28.43 8.08
CA TYR B 173 7.42 27.56 8.73
C TYR B 173 8.38 28.38 9.58
N SER B 174 9.21 27.69 10.35
CA SER B 174 10.23 28.34 11.20
C SER B 174 11.40 27.38 11.41
N MET B 175 12.60 27.90 11.64
CA MET B 175 13.80 27.07 11.74
C MET B 175 14.73 27.49 12.86
N SER B 176 15.39 26.51 13.46
CA SER B 176 16.31 26.74 14.58
C SER B 176 17.70 26.22 14.27
N SER B 177 18.55 27.09 13.73
CA SER B 177 19.95 26.74 13.48
C SER B 177 20.78 27.05 14.72
N THR B 178 21.53 26.05 15.18
CA THR B 178 22.31 26.14 16.42
C THR B 178 23.76 25.73 16.16
N LEU B 179 24.69 26.54 16.67
CA LEU B 179 26.11 26.37 16.42
C LEU B 179 26.86 26.10 17.73
N THR B 180 27.23 24.84 17.95
CA THR B 180 27.84 24.39 19.22
C THR B 180 29.37 24.41 19.17
N LEU B 181 29.98 24.85 20.28
CA LEU B 181 31.45 24.98 20.39
C LEU B 181 31.90 24.89 21.85
N THR B 182 33.16 25.21 22.13
CA THR B 182 33.68 25.17 23.50
C THR B 182 34.71 26.27 23.83
N LYS B 183 35.13 26.30 25.09
CA LYS B 183 36.03 27.31 25.67
C LYS B 183 37.11 27.86 24.71
N ASP B 184 38.21 27.14 24.56
CA ASP B 184 39.39 27.65 23.86
C ASP B 184 39.02 28.20 22.48
N GLU B 185 38.35 27.35 21.69
CA GLU B 185 38.13 27.63 20.28
C GLU B 185 37.17 28.79 20.05
N TYR B 186 36.15 28.90 20.90
CA TYR B 186 35.25 30.05 20.87
C TYR B 186 35.96 31.30 21.39
N GLU B 187 36.69 31.14 22.50
CA GLU B 187 37.46 32.25 23.09
C GLU B 187 38.64 32.59 22.19
N ARG B 188 38.35 33.17 21.03
CA ARG B 188 39.35 33.49 20.03
C ARG B 188 38.89 34.63 19.13
N HIS B 189 37.88 34.33 18.32
CA HIS B 189 37.57 35.11 17.11
C HIS B 189 36.53 36.19 17.41
N ASN B 190 36.35 37.12 16.47
CA ASN B 190 35.62 38.36 16.77
C ASN B 190 34.36 38.69 15.95
N SER B 191 33.98 37.84 14.99
CA SER B 191 32.71 38.02 14.28
C SER B 191 32.02 36.69 13.96
N TYR B 192 30.76 36.57 14.36
CA TYR B 192 29.95 35.37 14.10
C TYR B 192 28.63 35.84 13.48
N THR B 193 28.15 35.08 12.49
CA THR B 193 27.01 35.53 11.68
C THR B 193 26.24 34.36 11.09
N CYS B 194 24.91 34.42 11.18
CA CYS B 194 24.04 33.40 10.60
C CYS B 194 23.32 33.99 9.40
N GLU B 195 23.76 33.60 8.21
CA GLU B 195 23.24 34.10 6.95
C GLU B 195 22.37 33.05 6.26
N ALA B 196 21.25 33.48 5.68
CA ALA B 196 20.35 32.58 4.96
C ALA B 196 19.60 33.34 3.86
N THR B 197 19.27 32.63 2.78
CA THR B 197 18.59 33.24 1.64
C THR B 197 17.28 32.54 1.33
N HIS B 198 16.25 33.33 1.08
CA HIS B 198 14.91 32.86 0.81
C HIS B 198 14.52 33.39 -0.57
N LYS B 199 13.32 33.04 -1.03
CA LYS B 199 12.81 33.50 -2.31
C LYS B 199 12.37 34.96 -2.32
N THR B 200 12.41 35.64 -1.18
CA THR B 200 11.91 37.03 -1.06
C THR B 200 12.98 38.12 -0.99
N SER B 201 14.26 37.75 -1.01
CA SER B 201 15.35 38.74 -0.97
C SER B 201 16.56 38.28 -1.79
N THR B 202 16.92 39.07 -2.79
CA THR B 202 18.04 38.77 -3.67
C THR B 202 19.38 38.75 -2.91
N SER B 203 19.59 39.73 -2.05
CA SER B 203 20.77 39.74 -1.19
C SER B 203 20.45 38.93 0.06
N PRO B 204 21.25 37.88 0.33
CA PRO B 204 21.09 37.11 1.57
C PRO B 204 20.94 37.99 2.81
N ILE B 205 20.06 37.59 3.73
CA ILE B 205 19.87 38.32 4.99
C ILE B 205 20.98 37.92 5.94
N VAL B 206 21.46 38.89 6.73
CA VAL B 206 22.62 38.69 7.60
C VAL B 206 22.45 39.32 8.99
N LYS B 207 23.14 38.74 9.98
CA LYS B 207 23.17 39.27 11.34
C LYS B 207 24.60 39.32 11.87
N SER B 208 25.35 40.35 11.44
CA SER B 208 26.74 40.52 11.84
C SER B 208 26.85 40.84 13.33
N PHE B 209 27.40 39.89 14.08
CA PHE B 209 27.56 40.02 15.54
C PHE B 209 29.04 39.98 15.94
N ASN B 210 29.54 41.10 16.48
CA ASN B 210 30.87 41.19 17.06
C ASN B 210 30.79 40.99 18.58
N ARG B 211 31.64 40.14 19.14
CA ARG B 211 31.56 39.77 20.57
C ARG B 211 32.25 40.74 21.50
N ASN B 212 31.75 41.97 21.56
CA ASN B 212 32.30 43.02 22.42
C ASN B 212 31.25 44.07 22.79
N LEU C 1 7.38 -34.63 -33.46
CA LEU C 1 7.32 -34.15 -32.05
C LEU C 1 7.14 -35.33 -31.10
N ARG C 2 7.77 -35.28 -29.94
CA ARG C 2 7.56 -36.28 -28.88
C ARG C 2 7.37 -35.62 -27.50
N CYS C 3 6.36 -36.07 -26.77
CA CYS C 3 6.00 -35.51 -25.46
C CYS C 3 5.98 -36.60 -24.39
N MET C 4 6.41 -36.24 -23.17
CA MET C 4 6.28 -37.13 -22.02
C MET C 4 4.83 -37.53 -21.84
N GLN C 5 4.61 -38.80 -21.50
CA GLN C 5 3.26 -39.34 -21.41
C GLN C 5 3.09 -40.15 -20.13
N CYS C 6 2.35 -39.59 -19.17
CA CYS C 6 2.17 -40.19 -17.84
C CYS C 6 0.70 -40.18 -17.43
N LYS C 7 0.22 -41.32 -16.94
CA LYS C 7 -1.17 -41.45 -16.47
C LYS C 7 -1.30 -40.92 -15.03
N THR C 8 -2.52 -40.99 -14.49
CA THR C 8 -2.78 -40.54 -13.10
C THR C 8 -1.86 -41.22 -12.10
N ASN C 9 -1.71 -42.55 -12.23
CA ASN C 9 -0.82 -43.33 -11.37
C ASN C 9 0.65 -42.88 -11.42
N GLY C 10 1.09 -42.43 -12.59
CA GLY C 10 2.41 -41.81 -12.75
C GLY C 10 3.48 -42.62 -13.47
N ASP C 11 3.06 -43.63 -14.25
CA ASP C 11 4.00 -44.41 -15.07
C ASP C 11 4.26 -43.66 -16.36
N CYS C 12 5.51 -43.29 -16.61
CA CYS C 12 5.86 -42.35 -17.69
C CYS C 12 6.57 -43.00 -18.88
N ARG C 13 6.48 -42.33 -20.02
CA ARG C 13 7.17 -42.74 -21.25
C ARG C 13 7.19 -41.58 -22.26
N VAL C 14 7.94 -41.75 -23.35
CA VAL C 14 8.03 -40.75 -24.41
C VAL C 14 7.09 -41.10 -25.56
N GLU C 15 6.00 -40.34 -25.70
CA GLU C 15 5.00 -40.59 -26.73
C GLU C 15 5.39 -39.94 -28.07
N GLU C 16 5.68 -40.78 -29.06
CA GLU C 16 5.85 -40.31 -30.43
C GLU C 16 4.51 -39.74 -30.89
N CYS C 17 4.43 -38.41 -30.99
CA CYS C 17 3.15 -37.74 -31.30
C CYS C 17 2.68 -38.07 -32.72
N ALA C 18 1.42 -38.47 -32.83
CA ALA C 18 0.82 -38.85 -34.12
C ALA C 18 0.74 -37.67 -35.08
N LEU C 19 0.56 -37.96 -36.37
CA LEU C 19 0.55 -36.93 -37.42
C LEU C 19 -0.50 -35.85 -37.15
N GLY C 20 -0.04 -34.60 -37.05
CA GLY C 20 -0.88 -33.45 -36.73
C GLY C 20 -0.52 -32.83 -35.40
N GLN C 21 -0.28 -33.68 -34.39
CA GLN C 21 0.06 -33.23 -33.04
C GLN C 21 1.36 -32.44 -33.02
N ASP C 22 1.32 -31.27 -32.40
CA ASP C 22 2.50 -30.38 -32.32
C ASP C 22 2.60 -29.61 -30.99
N LEU C 23 1.95 -30.10 -29.94
CA LEU C 23 1.98 -29.45 -28.62
C LEU C 23 2.03 -30.50 -27.51
N CYS C 24 2.79 -30.21 -26.45
CA CYS C 24 2.93 -31.11 -25.30
C CYS C 24 2.30 -30.49 -24.06
N ARG C 25 1.41 -31.23 -23.39
CA ARG C 25 0.60 -30.68 -22.30
C ARG C 25 0.95 -31.25 -20.91
N THR C 26 0.49 -30.53 -19.89
CA THR C 26 0.63 -30.95 -18.50
C THR C 26 -0.57 -30.43 -17.69
N THR C 27 -1.63 -31.22 -17.63
CA THR C 27 -2.81 -30.85 -16.85
C THR C 27 -2.61 -31.26 -15.39
N ILE C 28 -2.52 -30.25 -14.52
CA ILE C 28 -2.42 -30.47 -13.08
C ILE C 28 -3.74 -30.06 -12.43
N VAL C 29 -4.30 -30.96 -11.63
CA VAL C 29 -5.51 -30.68 -10.86
C VAL C 29 -5.14 -30.74 -9.38
N ARG C 30 -5.79 -29.90 -8.58
CA ARG C 30 -5.55 -29.84 -7.15
C ARG C 30 -6.86 -29.72 -6.39
N LEU C 31 -6.92 -30.35 -5.22
CA LEU C 31 -8.06 -30.27 -4.33
C LEU C 31 -7.59 -30.07 -2.90
N TRP C 32 -7.63 -28.83 -2.42
CA TRP C 32 -7.47 -28.58 -0.99
C TRP C 32 -8.83 -28.82 -0.33
N GLU C 33 -8.82 -29.43 0.86
CA GLU C 33 -10.05 -29.84 1.52
C GLU C 33 -9.80 -30.13 3.00
N GLU C 34 -9.75 -29.06 3.80
CA GLU C 34 -9.50 -29.16 5.25
C GLU C 34 -8.21 -29.93 5.60
N GLY C 35 -7.09 -29.48 5.04
CA GLY C 35 -5.77 -29.97 5.44
C GLY C 35 -5.23 -31.17 4.69
N GLU C 36 -5.42 -31.18 3.37
CA GLU C 36 -4.85 -32.24 2.52
C GLU C 36 -4.83 -31.81 1.04
N GLU C 37 -3.64 -31.49 0.54
CA GLU C 37 -3.45 -31.04 -0.85
C GLU C 37 -3.31 -32.23 -1.80
N LEU C 38 -4.29 -32.40 -2.70
CA LEU C 38 -4.40 -33.60 -3.53
C LEU C 38 -4.07 -33.32 -5.00
N GLU C 39 -2.95 -33.85 -5.49
CA GLU C 39 -2.40 -33.52 -6.80
C GLU C 39 -2.39 -34.71 -7.77
N LEU C 40 -3.06 -34.55 -8.91
CA LEU C 40 -3.01 -35.51 -10.01
C LEU C 40 -2.42 -34.80 -11.24
N VAL C 41 -1.61 -35.52 -12.02
CA VAL C 41 -0.92 -34.93 -13.16
C VAL C 41 -0.95 -35.81 -14.40
N GLU C 42 -1.58 -35.33 -15.48
CA GLU C 42 -1.53 -36.01 -16.77
C GLU C 42 -0.67 -35.23 -17.76
N LYS C 43 0.13 -35.95 -18.54
CA LYS C 43 0.96 -35.38 -19.59
C LYS C 43 0.81 -36.22 -20.85
N SER C 44 0.86 -35.58 -22.01
CA SER C 44 0.78 -36.27 -23.30
C SER C 44 0.91 -35.31 -24.47
N CYS C 45 0.92 -35.85 -25.68
CA CYS C 45 0.77 -35.04 -26.88
C CYS C 45 -0.65 -34.49 -26.92
N THR C 46 -0.85 -33.35 -27.57
CA THR C 46 -2.18 -32.75 -27.70
C THR C 46 -2.27 -31.84 -28.92
N HIS C 47 -3.49 -31.64 -29.41
CA HIS C 47 -3.72 -30.94 -30.67
C HIS C 47 -3.60 -29.42 -30.56
N SER C 48 -3.49 -28.77 -31.71
CA SER C 48 -3.18 -27.34 -31.79
C SER C 48 -4.38 -26.46 -31.42
N GLU C 49 -4.16 -25.14 -31.50
CA GLU C 49 -5.11 -24.14 -31.01
C GLU C 49 -5.46 -24.38 -29.54
N LYS C 50 -4.44 -24.75 -28.76
CA LYS C 50 -4.57 -24.88 -27.31
C LYS C 50 -3.62 -23.91 -26.63
N THR C 51 -4.02 -23.42 -25.46
CA THR C 51 -3.27 -22.40 -24.74
C THR C 51 -3.18 -22.73 -23.25
N ASN C 52 -2.21 -22.10 -22.59
CA ASN C 52 -2.08 -22.21 -21.15
C ASN C 52 -3.33 -21.64 -20.50
N ARG C 53 -3.96 -22.43 -19.65
CA ARG C 53 -5.20 -22.01 -19.02
C ARG C 53 -5.40 -22.70 -17.68
N THR C 54 -6.12 -22.02 -16.80
CA THR C 54 -6.25 -22.44 -15.41
C THR C 54 -7.54 -21.88 -14.82
N LEU C 55 -8.13 -22.64 -13.91
CA LEU C 55 -9.32 -22.20 -13.20
C LEU C 55 -9.28 -22.70 -11.77
N SER C 56 -9.47 -21.79 -10.82
CA SER C 56 -9.47 -22.12 -9.41
C SER C 56 -10.80 -21.65 -8.83
N TYR C 57 -11.41 -22.48 -8.00
CA TYR C 57 -12.72 -22.16 -7.43
C TYR C 57 -13.00 -22.89 -6.13
N ARG C 58 -13.84 -22.27 -5.29
CA ARG C 58 -14.17 -22.78 -3.96
C ARG C 58 -15.53 -23.47 -3.91
N THR C 59 -15.51 -24.76 -3.57
CA THR C 59 -16.74 -25.50 -3.27
C THR C 59 -16.82 -25.72 -1.77
N GLY C 60 -17.65 -24.93 -1.09
CA GLY C 60 -17.81 -25.02 0.36
C GLY C 60 -16.50 -24.91 1.11
N LEU C 61 -16.17 -25.93 1.91
CA LEU C 61 -14.90 -25.99 2.66
C LEU C 61 -13.78 -26.63 1.84
N LYS C 62 -13.94 -26.64 0.52
CA LYS C 62 -12.97 -27.23 -0.40
C LYS C 62 -12.53 -26.17 -1.41
N ILE C 63 -11.38 -26.39 -2.03
CA ILE C 63 -10.92 -25.60 -3.15
C ILE C 63 -10.46 -26.53 -4.26
N THR C 64 -11.08 -26.41 -5.43
CA THR C 64 -10.62 -27.12 -6.60
C THR C 64 -9.82 -26.16 -7.45
N SER C 65 -8.67 -26.64 -7.94
CA SER C 65 -7.71 -25.81 -8.64
C SER C 65 -7.22 -26.51 -9.90
N LEU C 66 -7.80 -26.14 -11.03
CA LEU C 66 -7.43 -26.70 -12.34
C LEU C 66 -6.32 -25.90 -13.00
N THR C 67 -5.43 -26.61 -13.70
CA THR C 67 -4.34 -25.98 -14.43
C THR C 67 -3.95 -26.86 -15.62
N GLU C 68 -3.68 -26.22 -16.74
CA GLU C 68 -3.07 -26.88 -17.89
C GLU C 68 -2.06 -25.92 -18.52
N VAL C 69 -0.98 -26.49 -19.04
CA VAL C 69 0.09 -25.71 -19.63
C VAL C 69 0.72 -26.49 -20.78
N VAL C 70 0.98 -25.78 -21.88
CA VAL C 70 1.45 -26.40 -23.12
C VAL C 70 2.65 -25.66 -23.72
N CYS C 71 3.30 -26.30 -24.68
CA CYS C 71 4.42 -25.73 -25.42
C CYS C 71 4.74 -26.62 -26.63
N GLY C 72 5.52 -26.09 -27.57
CA GLY C 72 5.78 -26.78 -28.84
C GLY C 72 7.03 -27.64 -28.92
N LEU C 73 7.91 -27.51 -27.92
CA LEU C 73 9.23 -28.16 -27.97
C LEU C 73 9.15 -29.66 -27.68
N ASP C 74 10.22 -30.37 -28.03
CA ASP C 74 10.34 -31.79 -27.70
C ASP C 74 10.55 -31.95 -26.20
N LEU C 75 9.71 -32.78 -25.58
CA LEU C 75 9.78 -33.02 -24.13
C LEU C 75 9.69 -31.71 -23.33
N CYS C 76 8.88 -30.77 -23.80
CA CYS C 76 8.74 -29.47 -23.14
C CYS C 76 7.96 -29.61 -21.84
N ASN C 77 7.08 -30.59 -21.79
CA ASN C 77 6.28 -30.92 -20.62
C ASN C 77 7.02 -31.83 -19.63
N GLN C 78 8.30 -31.56 -19.42
CA GLN C 78 9.17 -32.50 -18.72
C GLN C 78 9.08 -32.39 -17.19
N GLY C 79 9.86 -31.49 -16.59
CA GLY C 79 9.95 -31.39 -15.14
C GLY C 79 8.73 -30.73 -14.52
N ASN C 80 8.35 -29.58 -15.08
CA ASN C 80 7.20 -28.81 -14.62
C ASN C 80 6.07 -28.85 -15.65
N SER C 88 5.00 -17.02 0.12
CA SER C 88 4.08 -18.03 0.62
C SER C 88 2.64 -17.69 0.25
N ARG C 89 2.11 -16.62 0.84
CA ARG C 89 0.73 -16.18 0.58
C ARG C 89 0.74 -15.10 -0.49
N SER C 90 -0.01 -15.32 -1.56
CA SER C 90 -0.08 -14.38 -2.67
C SER C 90 -1.51 -13.89 -2.85
N ARG C 91 -1.66 -12.61 -3.19
CA ARG C 91 -2.96 -11.94 -3.21
C ARG C 91 -3.01 -10.85 -4.27
N TYR C 92 -3.78 -11.08 -5.34
CA TYR C 92 -3.86 -10.13 -6.45
C TYR C 92 -5.27 -9.55 -6.68
N LEU C 93 -6.30 -10.36 -6.50
CA LEU C 93 -7.65 -9.93 -6.84
C LEU C 93 -8.69 -10.74 -6.05
N GLU C 94 -9.64 -10.04 -5.43
CA GLU C 94 -10.74 -10.71 -4.74
C GLU C 94 -11.85 -11.05 -5.72
N CYS C 95 -12.13 -12.35 -5.83
CA CYS C 95 -13.15 -12.85 -6.75
C CYS C 95 -14.18 -13.69 -6.03
N ILE C 96 -15.45 -13.41 -6.28
CA ILE C 96 -16.54 -14.27 -5.86
C ILE C 96 -16.35 -15.68 -6.43
N SER C 97 -16.71 -16.70 -5.64
CA SER C 97 -16.61 -18.09 -6.12
C SER C 97 -17.65 -19.01 -5.51
N CYS C 98 -17.98 -20.05 -6.27
CA CYS C 98 -18.97 -21.07 -5.88
C CYS C 98 -18.92 -22.23 -6.89
N GLY C 99 -19.92 -23.11 -6.86
CA GLY C 99 -20.00 -24.19 -7.87
C GLY C 99 -21.33 -24.94 -7.91
N SER C 100 -21.56 -25.63 -9.02
CA SER C 100 -22.76 -26.45 -9.18
C SER C 100 -22.63 -27.79 -8.50
N SER C 101 -21.40 -28.27 -8.35
CA SER C 101 -21.15 -29.56 -7.69
C SER C 101 -21.69 -29.64 -6.26
N ASP C 102 -22.06 -28.50 -5.68
CA ASP C 102 -22.78 -28.47 -4.40
C ASP C 102 -23.92 -27.44 -4.40
N MET C 103 -24.46 -27.17 -5.59
CA MET C 103 -25.52 -26.16 -5.77
C MET C 103 -25.27 -24.86 -4.99
N SER C 104 -24.00 -24.47 -4.86
CA SER C 104 -23.62 -23.29 -4.09
C SER C 104 -23.70 -22.03 -4.95
N CYS C 105 -23.31 -22.15 -6.22
CA CYS C 105 -23.46 -21.07 -7.19
C CYS C 105 -24.93 -20.83 -7.50
N GLU C 106 -25.71 -21.91 -7.58
CA GLU C 106 -27.14 -21.84 -7.85
C GLU C 106 -27.87 -21.04 -6.76
N ARG C 107 -27.43 -21.22 -5.52
CA ARG C 107 -27.91 -20.43 -4.39
C ARG C 107 -27.09 -19.15 -4.23
N GLY C 108 -27.34 -18.40 -3.15
CA GLY C 108 -26.57 -17.20 -2.82
C GLY C 108 -25.50 -17.40 -1.75
N ARG C 109 -24.84 -18.56 -1.77
CA ARG C 109 -23.66 -18.78 -0.92
C ARG C 109 -22.41 -18.54 -1.75
N HIS C 110 -22.07 -17.26 -1.86
CA HIS C 110 -21.02 -16.79 -2.76
C HIS C 110 -19.78 -16.36 -1.99
N GLN C 111 -18.85 -17.30 -1.81
CA GLN C 111 -17.61 -17.05 -1.07
C GLN C 111 -16.64 -16.15 -1.85
N SER C 112 -15.66 -15.59 -1.15
CA SER C 112 -14.59 -14.81 -1.76
C SER C 112 -13.33 -15.66 -1.90
N LEU C 113 -12.70 -15.56 -3.07
CA LEU C 113 -11.50 -16.31 -3.38
C LEU C 113 -10.50 -15.30 -3.92
N GLN C 114 -9.30 -15.28 -3.34
CA GLN C 114 -8.30 -14.33 -3.77
C GLN C 114 -7.46 -14.97 -4.87
N CYS C 115 -7.26 -14.23 -5.97
CA CYS C 115 -6.44 -14.74 -7.06
C CYS C 115 -4.99 -14.82 -6.63
N ARG C 116 -4.35 -15.93 -6.99
CA ARG C 116 -2.98 -16.23 -6.56
C ARG C 116 -1.92 -15.74 -7.55
N SER C 117 -2.36 -15.40 -8.77
CA SER C 117 -1.44 -14.96 -9.83
C SER C 117 -1.90 -13.65 -10.46
N PRO C 118 -0.94 -12.80 -10.87
CA PRO C 118 -1.23 -11.46 -11.39
C PRO C 118 -2.04 -11.45 -12.70
N GLU C 119 -1.92 -12.52 -13.47
CA GLU C 119 -2.61 -12.64 -14.76
C GLU C 119 -4.09 -12.97 -14.54
N GLU C 120 -4.37 -13.76 -13.50
CA GLU C 120 -5.71 -14.30 -13.28
C GLU C 120 -6.78 -13.24 -13.09
N GLN C 121 -7.99 -13.55 -13.58
CA GLN C 121 -9.12 -12.65 -13.51
C GLN C 121 -10.35 -13.33 -12.93
N CYS C 122 -11.29 -12.51 -12.47
CA CYS C 122 -12.55 -13.02 -11.93
C CYS C 122 -13.41 -13.52 -13.09
N LEU C 123 -13.88 -14.75 -12.97
CA LEU C 123 -14.63 -15.41 -14.02
C LEU C 123 -16.09 -15.65 -13.64
N ASP C 124 -16.89 -15.91 -14.65
CA ASP C 124 -18.28 -16.33 -14.47
C ASP C 124 -18.69 -17.11 -15.69
N VAL C 125 -18.91 -18.41 -15.53
CA VAL C 125 -19.31 -19.26 -16.65
C VAL C 125 -20.65 -19.93 -16.39
N VAL C 126 -21.34 -20.24 -17.48
CA VAL C 126 -22.55 -21.04 -17.47
C VAL C 126 -22.46 -22.01 -18.64
N THR C 127 -22.76 -23.28 -18.40
CA THR C 127 -22.54 -24.35 -19.38
C THR C 127 -23.68 -25.35 -19.36
N HIS C 128 -24.55 -25.31 -20.36
CA HIS C 128 -25.69 -26.23 -20.43
C HIS C 128 -25.69 -27.02 -21.76
N TRP C 129 -25.26 -28.28 -21.68
CA TRP C 129 -25.09 -29.19 -22.83
C TRP C 129 -23.87 -28.87 -23.72
N ILE C 130 -23.04 -29.86 -24.07
CA ILE C 130 -23.18 -31.27 -23.66
C ILE C 130 -22.06 -31.63 -22.68
N ASP C 141 -19.26 -28.91 -14.49
CA ASP C 141 -20.33 -28.28 -13.75
C ASP C 141 -21.12 -27.31 -14.63
N ARG C 142 -22.40 -27.11 -14.29
CA ARG C 142 -23.26 -26.16 -15.00
C ARG C 142 -22.79 -24.72 -14.82
N HIS C 143 -22.65 -24.30 -13.56
CA HIS C 143 -22.26 -22.93 -13.22
C HIS C 143 -20.96 -22.91 -12.43
N LEU C 144 -20.10 -21.94 -12.73
CA LEU C 144 -18.80 -21.81 -12.07
C LEU C 144 -18.43 -20.34 -11.88
N ARG C 145 -17.78 -20.04 -10.77
CA ARG C 145 -17.28 -18.69 -10.47
C ARG C 145 -15.96 -18.80 -9.71
N GLY C 146 -15.01 -17.89 -10.01
CA GLY C 146 -13.73 -17.87 -9.32
C GLY C 146 -12.59 -17.24 -10.09
N CYS C 147 -11.37 -17.67 -9.78
CA CYS C 147 -10.15 -17.13 -10.38
C CYS C 147 -9.68 -18.02 -11.51
N GLY C 148 -9.23 -17.42 -12.60
CA GLY C 148 -8.70 -18.20 -13.71
C GLY C 148 -8.14 -17.36 -14.83
N TYR C 149 -7.45 -18.02 -15.76
CA TYR C 149 -6.90 -17.35 -16.94
C TYR C 149 -7.21 -18.09 -18.24
N LEU C 150 -7.73 -17.32 -19.20
CA LEU C 150 -7.82 -17.73 -20.59
C LEU C 150 -7.24 -16.59 -21.42
N PRO C 151 -6.61 -16.91 -22.56
CA PRO C 151 -6.01 -15.84 -23.37
C PRO C 151 -7.01 -14.74 -23.79
N GLY C 152 -6.52 -13.50 -23.83
CA GLY C 152 -7.33 -12.34 -24.22
C GLY C 152 -8.64 -12.21 -23.48
N CYS C 153 -8.62 -12.47 -22.17
CA CYS C 153 -9.85 -12.63 -21.40
C CYS C 153 -10.65 -11.36 -21.05
N PRO C 154 -9.96 -10.22 -20.78
CA PRO C 154 -10.70 -9.07 -20.23
C PRO C 154 -11.97 -8.70 -21.01
N GLY C 155 -13.10 -9.28 -20.62
CA GLY C 155 -14.37 -9.11 -21.33
C GLY C 155 -15.20 -10.37 -21.35
N SER C 156 -16.47 -10.23 -21.73
CA SER C 156 -17.41 -11.35 -21.73
C SER C 156 -17.69 -11.85 -23.13
N ASN C 157 -18.01 -13.15 -23.24
CA ASN C 157 -18.33 -13.77 -24.52
C ASN C 157 -19.00 -15.13 -24.37
N GLY C 158 -20.19 -15.27 -24.93
CA GLY C 158 -20.98 -16.49 -24.82
C GLY C 158 -21.62 -16.93 -26.13
N PHE C 159 -22.51 -17.91 -26.02
CA PHE C 159 -23.14 -18.56 -27.16
C PHE C 159 -24.38 -19.36 -26.73
N HIS C 160 -25.36 -19.46 -27.62
CA HIS C 160 -26.48 -20.37 -27.41
C HIS C 160 -27.19 -20.76 -28.70
N ASN C 161 -27.85 -21.92 -28.68
CA ASN C 161 -28.73 -22.35 -29.77
C ASN C 161 -30.01 -22.97 -29.20
N ASN C 162 -30.65 -23.86 -29.96
CA ASN C 162 -31.88 -24.51 -29.50
C ASN C 162 -31.77 -25.15 -28.11
N ASP C 163 -30.67 -25.85 -27.86
CA ASP C 163 -30.49 -26.58 -26.61
C ASP C 163 -29.27 -26.10 -25.79
N THR C 164 -28.16 -25.84 -26.47
CA THR C 164 -26.91 -25.51 -25.81
C THR C 164 -26.88 -24.05 -25.40
N PHE C 165 -26.27 -23.78 -24.24
CA PHE C 165 -26.01 -22.42 -23.79
C PHE C 165 -24.70 -22.32 -23.00
N HIS C 166 -23.74 -21.60 -23.58
CA HIS C 166 -22.49 -21.32 -22.89
C HIS C 166 -22.28 -19.81 -22.76
N PHE C 167 -21.67 -19.40 -21.66
CA PHE C 167 -21.25 -18.01 -21.47
C PHE C 167 -20.01 -17.97 -20.60
N LEU C 168 -19.18 -16.94 -20.81
CA LEU C 168 -17.99 -16.76 -19.99
C LEU C 168 -17.67 -15.27 -19.86
N LYS C 169 -18.06 -14.68 -18.74
CA LYS C 169 -17.68 -13.30 -18.40
C LYS C 169 -16.30 -13.31 -17.78
N CYS C 170 -15.58 -12.21 -17.92
CA CYS C 170 -14.21 -12.12 -17.47
C CYS C 170 -13.85 -10.66 -17.16
N CYS C 171 -13.27 -10.42 -15.99
CA CYS C 171 -13.01 -9.04 -15.53
C CYS C 171 -11.83 -8.93 -14.55
N ASN C 172 -11.30 -7.71 -14.42
CA ASN C 172 -10.06 -7.47 -13.67
C ASN C 172 -10.16 -6.60 -12.40
N THR C 173 -11.36 -6.14 -12.05
CA THR C 173 -11.56 -5.37 -10.80
C THR C 173 -12.13 -6.26 -9.69
N THR C 174 -12.05 -5.78 -8.46
CA THR C 174 -12.50 -6.52 -7.26
C THR C 174 -14.01 -6.84 -7.29
N LYS C 175 -14.35 -8.08 -6.94
CA LYS C 175 -15.75 -8.53 -6.87
C LYS C 175 -16.57 -8.18 -8.11
N CYS C 176 -15.94 -8.15 -9.28
CA CYS C 176 -16.65 -7.77 -10.50
C CYS C 176 -17.57 -8.88 -10.99
N ASN C 177 -17.27 -10.13 -10.61
CA ASN C 177 -18.09 -11.30 -10.98
C ASN C 177 -19.16 -11.66 -9.95
N GLU C 178 -19.91 -10.66 -9.50
CA GLU C 178 -20.92 -10.85 -8.45
C GLU C 178 -22.33 -10.60 -9.00
N GLY C 179 -23.32 -10.66 -8.12
CA GLY C 179 -24.71 -10.44 -8.51
C GLY C 179 -25.44 -11.75 -8.82
N PRO C 180 -26.57 -11.67 -9.54
CA PRO C 180 -27.38 -12.86 -9.78
C PRO C 180 -26.72 -13.78 -10.79
N ILE C 181 -27.12 -15.06 -10.78
CA ILE C 181 -26.59 -16.02 -11.73
C ILE C 181 -27.25 -15.86 -13.12
N LEU C 182 -26.42 -15.73 -14.14
CA LEU C 182 -26.88 -15.54 -15.53
C LEU C 182 -27.71 -16.71 -16.05
N GLU C 183 -29.00 -16.46 -16.26
CA GLU C 183 -29.86 -17.41 -16.94
C GLU C 183 -30.21 -16.84 -18.31
N LEU C 184 -30.15 -17.72 -19.32
CA LEU C 184 -30.46 -17.35 -20.70
C LEU C 184 -31.88 -16.78 -20.83
N GLU C 185 -32.77 -17.29 -19.98
CA GLU C 185 -34.20 -16.97 -20.04
C GLU C 185 -34.47 -15.49 -19.69
N ASN C 186 -33.81 -15.00 -18.64
CA ASN C 186 -34.00 -13.61 -18.20
C ASN C 186 -33.39 -12.57 -19.13
N LEU C 187 -32.44 -12.98 -19.97
CA LEU C 187 -31.83 -12.09 -20.97
C LEU C 187 -32.88 -11.62 -21.99
N PRO C 188 -32.67 -10.46 -22.62
CA PRO C 188 -33.63 -9.97 -23.61
C PRO C 188 -33.52 -10.70 -24.96
N GLN C 189 -34.27 -10.22 -25.95
CA GLN C 189 -34.11 -10.66 -27.32
C GLN C 189 -33.33 -9.59 -28.10
N ASN C 190 -32.36 -10.04 -28.88
CA ASN C 190 -31.55 -9.14 -29.70
C ASN C 190 -32.32 -8.48 -30.83
N GLY C 191 -33.27 -9.23 -31.41
CA GLY C 191 -33.87 -8.87 -32.70
C GLY C 191 -33.21 -9.71 -33.78
N ARG C 192 -31.90 -9.93 -33.63
CA ARG C 192 -31.17 -10.87 -34.45
C ARG C 192 -31.79 -12.26 -34.34
N GLN C 193 -32.02 -12.88 -35.50
CA GLN C 193 -32.42 -14.27 -35.57
C GLN C 193 -31.46 -15.00 -36.49
N CYS C 194 -30.80 -16.02 -35.96
CA CYS C 194 -29.89 -16.87 -36.75
C CYS C 194 -30.38 -18.31 -36.67
N TYR C 195 -29.82 -19.15 -37.54
CA TYR C 195 -30.26 -20.53 -37.63
C TYR C 195 -29.58 -21.40 -36.57
N SER C 196 -30.35 -22.36 -36.05
CA SER C 196 -29.91 -23.21 -34.94
C SER C 196 -29.86 -24.66 -35.35
N CYS C 197 -28.67 -25.25 -35.32
CA CYS C 197 -28.50 -26.68 -35.56
C CYS C 197 -27.25 -27.19 -34.87
N LYS C 198 -27.18 -28.51 -34.67
CA LYS C 198 -25.93 -29.16 -34.29
C LYS C 198 -25.91 -30.64 -34.69
N GLY C 199 -24.75 -31.08 -35.15
CA GLY C 199 -24.56 -32.45 -35.62
C GLY C 199 -23.65 -32.48 -36.83
N ASN C 200 -23.82 -33.51 -37.66
CA ASN C 200 -23.15 -33.58 -38.96
C ASN C 200 -24.14 -33.18 -40.05
N SER C 201 -23.62 -32.77 -41.20
CA SER C 201 -24.46 -32.26 -42.30
C SER C 201 -25.48 -33.29 -42.80
N THR C 202 -25.26 -34.57 -42.50
CA THR C 202 -26.29 -35.59 -42.65
C THR C 202 -27.34 -35.46 -41.50
N HIS C 203 -27.55 -36.51 -40.71
CA HIS C 203 -28.49 -36.44 -39.58
C HIS C 203 -27.90 -35.53 -38.51
N GLY C 204 -28.26 -34.24 -38.56
CA GLY C 204 -27.72 -33.26 -37.62
C GLY C 204 -27.97 -31.82 -38.03
N CYS C 205 -27.03 -31.25 -38.77
CA CYS C 205 -27.18 -29.90 -39.33
C CYS C 205 -27.65 -29.98 -40.79
N SER C 206 -28.73 -30.73 -41.01
CA SER C 206 -29.35 -30.84 -42.33
C SER C 206 -30.33 -29.67 -42.51
N SER C 207 -30.59 -29.32 -43.76
CA SER C 207 -31.29 -28.06 -44.05
C SER C 207 -32.74 -27.97 -43.54
N GLU C 208 -33.44 -29.10 -43.41
CA GLU C 208 -34.74 -29.10 -42.73
C GLU C 208 -34.52 -29.15 -41.23
N GLU C 209 -33.46 -29.83 -40.82
CA GLU C 209 -33.06 -29.95 -39.41
C GLU C 209 -32.58 -28.59 -38.87
N THR C 210 -32.19 -27.70 -39.76
CA THR C 210 -31.84 -26.33 -39.42
C THR C 210 -33.12 -25.50 -39.29
N PHE C 211 -33.10 -24.52 -38.39
CA PHE C 211 -34.26 -23.66 -38.15
C PHE C 211 -33.89 -22.36 -37.42
N LEU C 212 -34.83 -21.44 -37.37
CA LEU C 212 -34.59 -20.09 -36.86
C LEU C 212 -34.95 -19.98 -35.36
N ILE C 213 -34.02 -19.38 -34.59
CA ILE C 213 -34.25 -19.06 -33.18
C ILE C 213 -33.96 -17.58 -32.93
N ASP C 214 -34.39 -17.09 -31.78
CA ASP C 214 -34.24 -15.67 -31.41
C ASP C 214 -33.06 -15.44 -30.48
N CYS C 215 -32.04 -14.75 -30.99
CA CYS C 215 -30.81 -14.46 -30.22
C CYS C 215 -31.08 -13.60 -29.00
N ARG C 216 -30.10 -13.56 -28.09
CA ARG C 216 -30.29 -13.00 -26.76
C ARG C 216 -29.06 -12.28 -26.22
N GLY C 217 -29.30 -11.32 -25.33
CA GLY C 217 -28.23 -10.57 -24.66
C GLY C 217 -27.26 -9.94 -25.64
N PRO C 218 -25.95 -10.03 -25.36
CA PRO C 218 -24.93 -9.52 -26.28
C PRO C 218 -24.59 -10.48 -27.40
N MET C 219 -25.22 -11.66 -27.42
CA MET C 219 -24.94 -12.65 -28.46
C MET C 219 -25.78 -12.36 -29.70
N ASN C 220 -25.25 -11.46 -30.53
CA ASN C 220 -25.99 -10.92 -31.67
C ASN C 220 -25.25 -11.14 -32.99
N GLN C 221 -24.34 -12.12 -32.99
CA GLN C 221 -23.63 -12.53 -34.20
C GLN C 221 -24.19 -13.87 -34.62
N CYS C 222 -24.46 -14.02 -35.91
CA CYS C 222 -24.80 -15.34 -36.47
C CYS C 222 -23.50 -16.14 -36.62
N LEU C 223 -23.50 -17.35 -36.07
CA LEU C 223 -22.30 -18.17 -36.02
C LEU C 223 -22.51 -19.54 -36.62
N VAL C 224 -21.50 -20.00 -37.34
CA VAL C 224 -21.38 -21.39 -37.75
C VAL C 224 -19.96 -21.82 -37.42
N ALA C 225 -19.83 -23.04 -36.93
CA ALA C 225 -18.52 -23.59 -36.61
C ALA C 225 -18.48 -25.08 -36.89
N THR C 226 -17.54 -25.50 -37.74
CA THR C 226 -17.32 -26.90 -38.03
C THR C 226 -16.01 -27.35 -37.40
N GLY C 227 -15.77 -28.66 -37.44
CA GLY C 227 -14.55 -29.24 -36.89
C GLY C 227 -14.69 -30.74 -36.73
N THR C 228 -13.89 -31.32 -35.84
CA THR C 228 -13.92 -32.75 -35.56
C THR C 228 -13.95 -33.00 -34.06
N HIS C 229 -14.93 -33.80 -33.63
CA HIS C 229 -15.07 -34.18 -32.21
C HIS C 229 -13.84 -35.00 -31.80
N GLU C 230 -13.02 -34.44 -30.91
CA GLU C 230 -11.73 -35.05 -30.55
C GLU C 230 -11.84 -36.51 -30.08
N PRO C 231 -12.85 -36.81 -29.23
CA PRO C 231 -13.01 -38.19 -28.74
C PRO C 231 -13.13 -39.25 -29.85
N LYS C 232 -14.09 -39.10 -30.75
CA LYS C 232 -14.27 -40.04 -31.86
C LYS C 232 -14.08 -39.28 -33.18
N ASN C 233 -13.42 -39.91 -34.14
CA ASN C 233 -12.90 -39.21 -35.31
C ASN C 233 -13.94 -38.64 -36.30
N GLN C 234 -15.20 -38.54 -35.90
CA GLN C 234 -16.23 -37.91 -36.73
C GLN C 234 -15.98 -36.40 -36.81
N SER C 235 -16.53 -35.77 -37.84
CA SER C 235 -16.60 -34.30 -37.90
C SER C 235 -17.90 -33.86 -37.23
N TYR C 236 -18.02 -32.56 -36.97
CA TYR C 236 -19.17 -32.06 -36.22
C TYR C 236 -19.37 -30.57 -36.48
N MET C 237 -20.64 -30.15 -36.52
CA MET C 237 -21.00 -28.78 -36.90
C MET C 237 -21.99 -28.20 -35.91
N VAL C 238 -21.99 -26.87 -35.80
CA VAL C 238 -22.96 -26.17 -34.98
C VAL C 238 -23.27 -24.77 -35.53
N ARG C 239 -24.49 -24.31 -35.28
CA ARG C 239 -24.91 -22.96 -35.64
C ARG C 239 -25.73 -22.36 -34.50
N GLY C 240 -25.71 -21.05 -34.39
CA GLY C 240 -26.54 -20.36 -33.40
C GLY C 240 -26.25 -18.88 -33.27
N CYS C 241 -26.43 -18.38 -32.04
CA CYS C 241 -26.22 -16.98 -31.71
C CYS C 241 -25.02 -16.84 -30.77
N ALA C 242 -24.12 -15.92 -31.10
CA ALA C 242 -22.89 -15.74 -30.33
C ALA C 242 -22.48 -14.27 -30.21
N THR C 243 -21.58 -14.00 -29.27
CA THR C 243 -20.92 -12.71 -29.19
C THR C 243 -19.80 -12.64 -30.22
N ALA C 244 -19.25 -11.46 -30.43
CA ALA C 244 -18.16 -11.26 -31.37
C ALA C 244 -16.91 -11.96 -30.84
N SER C 245 -16.56 -11.64 -29.60
CA SER C 245 -15.42 -12.28 -28.95
C SER C 245 -15.52 -13.81 -28.97
N MET C 246 -16.74 -14.33 -28.85
CA MET C 246 -16.96 -15.77 -28.96
C MET C 246 -16.56 -16.29 -30.34
N CYS C 247 -16.81 -15.49 -31.38
CA CYS C 247 -16.30 -15.80 -32.72
C CYS C 247 -14.78 -15.87 -32.65
N GLN C 248 -14.27 -17.10 -32.56
CA GLN C 248 -12.87 -17.37 -32.21
C GLN C 248 -12.57 -18.86 -32.40
N HIS C 249 -11.49 -19.18 -33.13
CA HIS C 249 -11.10 -20.58 -33.38
C HIS C 249 -10.79 -21.35 -32.09
N ALA C 250 -10.20 -20.67 -31.11
CA ALA C 250 -9.83 -21.30 -29.84
C ALA C 250 -11.04 -21.70 -28.97
N HIS C 251 -12.03 -20.82 -28.87
CA HIS C 251 -13.10 -20.95 -27.86
C HIS C 251 -14.12 -22.08 -28.10
N LEU C 252 -14.39 -22.41 -29.36
CA LEU C 252 -15.33 -23.49 -29.68
C LEU C 252 -14.70 -24.87 -29.52
N GLY C 253 -13.38 -24.94 -29.67
CA GLY C 253 -12.64 -26.20 -29.57
C GLY C 253 -12.51 -26.78 -28.17
N ASP C 254 -12.81 -25.96 -27.15
CA ASP C 254 -12.79 -26.40 -25.76
C ASP C 254 -14.18 -26.48 -25.15
N ALA C 255 -15.11 -25.67 -25.66
CA ALA C 255 -16.52 -25.74 -25.27
C ALA C 255 -17.18 -27.01 -25.83
N PHE C 256 -16.68 -27.49 -26.97
CA PHE C 256 -17.22 -28.70 -27.62
C PHE C 256 -16.16 -29.76 -27.96
N SER C 257 -14.94 -29.60 -27.46
CA SER C 257 -13.81 -30.51 -27.76
C SER C 257 -13.50 -30.63 -29.26
N MET C 258 -13.77 -29.57 -30.03
CA MET C 258 -13.46 -29.55 -31.46
C MET C 258 -11.99 -29.17 -31.72
N ASN C 259 -11.55 -29.41 -32.95
CA ASN C 259 -10.26 -28.94 -33.46
C ASN C 259 -10.19 -29.08 -34.98
N HIS C 260 -9.18 -28.46 -35.60
CA HIS C 260 -9.14 -28.29 -37.06
C HIS C 260 -10.45 -27.67 -37.54
N ILE C 261 -10.63 -26.42 -37.12
CA ILE C 261 -11.94 -25.76 -37.08
C ILE C 261 -12.15 -24.72 -38.18
N ASP C 262 -13.42 -24.51 -38.52
CA ASP C 262 -13.88 -23.33 -39.24
C ASP C 262 -14.73 -22.53 -38.25
N VAL C 263 -14.57 -21.21 -38.25
CA VAL C 263 -15.48 -20.33 -37.50
C VAL C 263 -15.83 -19.10 -38.32
N SER C 264 -17.06 -19.07 -38.84
CA SER C 264 -17.55 -17.95 -39.62
C SER C 264 -18.55 -17.18 -38.78
N CYS C 265 -18.51 -15.86 -38.88
CA CYS C 265 -19.46 -15.01 -38.18
C CYS C 265 -19.94 -13.85 -39.07
N CYS C 266 -21.15 -13.39 -38.80
CA CYS C 266 -21.77 -12.33 -39.58
C CYS C 266 -22.98 -11.77 -38.84
N THR C 267 -23.47 -10.62 -39.29
CA THR C 267 -24.49 -9.86 -38.58
C THR C 267 -25.69 -9.50 -39.45
N LYS C 268 -26.10 -10.42 -40.31
CA LYS C 268 -27.41 -10.35 -40.95
C LYS C 268 -28.23 -11.52 -40.43
N SER C 269 -29.44 -11.24 -39.94
CA SER C 269 -30.33 -12.31 -39.48
C SER C 269 -30.43 -13.38 -40.57
N GLY C 270 -29.91 -14.56 -40.28
CA GLY C 270 -30.00 -15.70 -41.19
C GLY C 270 -28.80 -15.92 -42.10
N CYS C 271 -27.75 -15.11 -41.96
CA CYS C 271 -26.54 -15.30 -42.76
C CYS C 271 -25.76 -16.56 -42.36
N ASN C 272 -26.23 -17.21 -41.30
CA ASN C 272 -25.84 -18.58 -40.95
C ASN C 272 -26.06 -19.65 -42.02
N HIS C 273 -27.22 -19.59 -42.66
CA HIS C 273 -27.81 -20.73 -43.41
C HIS C 273 -26.83 -21.59 -44.22
N PRO C 274 -27.03 -22.94 -44.22
CA PRO C 274 -26.13 -23.85 -44.94
C PRO C 274 -25.81 -23.42 -46.37
N ASP C 275 -26.84 -23.03 -47.12
CA ASP C 275 -26.70 -22.43 -48.45
C ASP C 275 -25.66 -21.32 -48.53
N LEU C 276 -25.52 -20.57 -47.43
CA LEU C 276 -24.66 -19.39 -47.40
C LEU C 276 -23.26 -19.67 -46.83
N ASP C 277 -22.90 -20.95 -46.69
CA ASP C 277 -21.57 -21.32 -46.18
C ASP C 277 -20.49 -21.10 -47.25
#